data_6I5K
#
_entry.id   6I5K
#
_cell.length_a   57.089
_cell.length_b   117.790
_cell.length_c   92.420
_cell.angle_alpha   90.00
_cell.angle_beta   99.08
_cell.angle_gamma   90.00
#
_symmetry.space_group_name_H-M   'P 1 21 1'
#
loop_
_entity.id
_entity.type
_entity.pdbx_description
1 polymer 'Dual specificity protein kinase CLK1'
2 non-polymer GLYCEROL
3 non-polymer 5-(1-methylpyrazol-4-yl)-3-(3-propan-2-yloxyphenyl)furo[3,2-b]pyridine
4 non-polymer 'PHOSPHATE ION'
5 water water
#
_entity_poly.entity_id   1
_entity_poly.type   'polypeptide(L)'
_entity_poly.pdbx_seq_one_letter_code
;SMHLICQSGDVLSARYEIVDTLGEGAFGKVVECIDHKAGGRHVAVKIVKNVDRYCEAARSEIQVLEHLNTTDPNSTFRCV
QMLEWFEHHGHICIVFELLGLSTYDFIKENGFLPFRLDHIRKMAYQICKSVNFLHSNKLTHTDLKPENILFVQSDYTEAY
NPKIKRDERTLINPDIKVVDFGSATYDDEHHSTLVSTRHYRAPEVILALGWSQPCDVWSIGCILIEYYLGFTVFPTHDSK
EHLAMMERILGPLPKHMIQKTRKRKYFHHDRLDWDEHSSAGRYVSRACKPLKEFMLSQDVEHERLFDLIQKMLEYDPAKR
ITLREALKHPFFDLLKKSI
;
_entity_poly.pdbx_strand_id   A,B,C
#
# COMPACT_ATOMS: atom_id res chain seq x y z
N SER A 1 -13.63 -23.74 -7.93
CA SER A 1 -13.01 -24.77 -8.86
C SER A 1 -12.05 -25.82 -8.19
N MET A 2 -10.89 -25.37 -7.67
CA MET A 2 -9.94 -26.30 -7.02
C MET A 2 -10.48 -27.21 -5.91
N HIS A 3 -11.32 -26.66 -5.02
CA HIS A 3 -11.92 -27.40 -3.89
CA HIS A 3 -11.92 -27.40 -3.89
C HIS A 3 -12.63 -28.69 -4.35
N LEU A 4 -13.14 -28.68 -5.60
CA LEU A 4 -13.81 -29.85 -6.17
C LEU A 4 -12.91 -31.03 -6.56
N ILE A 5 -11.60 -30.81 -6.65
CA ILE A 5 -10.61 -31.82 -7.07
C ILE A 5 -9.37 -32.04 -6.14
N CYS A 6 -9.35 -31.45 -4.93
CA CYS A 6 -8.15 -31.61 -4.02
C CYS A 6 -8.49 -32.20 -2.65
N GLN A 7 -9.61 -32.94 -2.54
CA GLN A 7 -10.06 -33.54 -1.27
C GLN A 7 -9.37 -34.88 -0.90
N SER A 8 -9.24 -35.17 0.40
CA SER A 8 -8.82 -36.52 0.86
C SER A 8 -9.59 -37.59 0.14
N GLY A 9 -8.87 -38.56 -0.43
CA GLY A 9 -9.49 -39.69 -1.11
C GLY A 9 -9.58 -39.56 -2.62
N ASP A 10 -9.56 -38.33 -3.16
CA ASP A 10 -9.56 -38.15 -4.62
C ASP A 10 -8.30 -38.76 -5.22
N VAL A 11 -8.44 -39.25 -6.44
CA VAL A 11 -7.37 -39.89 -7.16
C VAL A 11 -6.99 -39.06 -8.36
N LEU A 12 -5.72 -38.63 -8.44
CA LEU A 12 -5.22 -37.84 -9.57
C LEU A 12 -4.49 -38.71 -10.59
N SER A 13 -4.79 -38.48 -11.88
CA SER A 13 -4.10 -39.15 -13.00
C SER A 13 -4.10 -40.66 -12.93
N ALA A 14 -5.13 -41.23 -12.32
CA ALA A 14 -5.26 -42.68 -12.13
C ALA A 14 -4.13 -43.33 -11.34
N ARG A 15 -3.49 -42.57 -10.44
CA ARG A 15 -2.45 -43.14 -9.58
C ARG A 15 -2.15 -42.51 -8.22
N TYR A 16 -2.28 -41.20 -8.10
CA TYR A 16 -1.99 -40.50 -6.86
C TYR A 16 -3.26 -40.28 -6.00
N GLU A 17 -3.31 -40.91 -4.83
CA GLU A 17 -4.40 -40.74 -3.90
C GLU A 17 -4.10 -39.69 -2.84
N ILE A 18 -4.91 -38.64 -2.77
CA ILE A 18 -4.72 -37.56 -1.84
C ILE A 18 -4.96 -38.04 -0.39
N VAL A 19 -3.98 -37.79 0.47
CA VAL A 19 -4.04 -38.03 1.90
C VAL A 19 -4.54 -36.78 2.61
N ASP A 20 -3.89 -35.64 2.35
CA ASP A 20 -4.16 -34.42 3.07
C ASP A 20 -3.46 -33.20 2.43
N THR A 21 -3.88 -31.99 2.80
CA THR A 21 -3.26 -30.78 2.37
C THR A 21 -2.07 -30.42 3.28
N LEU A 22 -0.89 -30.19 2.68
CA LEU A 22 0.31 -29.78 3.43
C LEU A 22 0.40 -28.24 3.61
N GLY A 23 0.11 -27.48 2.55
CA GLY A 23 -0.04 -26.04 2.67
C GLY A 23 -0.62 -25.39 1.43
N GLU A 24 -1.00 -24.11 1.57
CA GLU A 24 -1.62 -23.32 0.49
C GLU A 24 -0.83 -22.05 0.30
N GLY A 25 -1.04 -21.42 -0.85
CA GLY A 25 -0.49 -20.14 -1.17
C GLY A 25 -1.30 -19.50 -2.29
N ALA A 26 -0.80 -18.39 -2.81
CA ALA A 26 -1.44 -17.68 -3.92
C ALA A 26 -1.49 -18.56 -5.20
N PHE A 27 -0.44 -19.37 -5.39
CA PHE A 27 -0.33 -20.24 -6.55
C PHE A 27 -1.35 -21.40 -6.57
N GLY A 28 -1.91 -21.79 -5.42
CA GLY A 28 -2.62 -23.04 -5.28
C GLY A 28 -2.33 -23.77 -3.96
N LYS A 29 -2.12 -25.09 -4.06
CA LYS A 29 -2.13 -25.98 -2.90
C LYS A 29 -0.93 -26.97 -3.12
N VAL A 30 -0.35 -27.48 -2.05
CA VAL A 30 0.48 -28.68 -2.10
C VAL A 30 -0.21 -29.76 -1.24
N VAL A 31 -0.37 -30.96 -1.79
CA VAL A 31 -0.97 -32.07 -1.06
C VAL A 31 0.00 -33.24 -0.94
N GLU A 32 -0.09 -33.98 0.14
CA GLU A 32 0.56 -35.28 0.22
C GLU A 32 -0.34 -36.38 -0.45
N CYS A 33 0.28 -37.24 -1.24
CA CYS A 33 -0.37 -38.32 -1.91
C CYS A 33 0.38 -39.64 -1.77
N ILE A 34 -0.40 -40.73 -1.82
CA ILE A 34 0.09 -42.08 -2.03
C ILE A 34 0.22 -42.36 -3.53
N ASP A 35 1.40 -42.77 -3.98
CA ASP A 35 1.60 -43.15 -5.37
C ASP A 35 1.38 -44.64 -5.57
N HIS A 36 0.21 -44.98 -6.11
CA HIS A 36 -0.18 -46.39 -6.27
C HIS A 36 0.55 -47.15 -7.35
N LYS A 37 1.29 -46.46 -8.22
CA LYS A 37 2.12 -47.12 -9.24
C LYS A 37 3.61 -47.23 -8.87
N ALA A 38 4.05 -46.62 -7.77
CA ALA A 38 5.43 -46.80 -7.26
C ALA A 38 5.43 -47.45 -5.87
N GLY A 39 4.56 -48.45 -5.69
CA GLY A 39 4.51 -49.28 -4.51
C GLY A 39 3.90 -48.65 -3.28
N GLY A 40 3.20 -47.54 -3.43
CA GLY A 40 2.63 -46.84 -2.26
C GLY A 40 3.49 -45.73 -1.68
N ARG A 41 4.62 -45.45 -2.32
CA ARG A 41 5.52 -44.36 -1.91
C ARG A 41 4.77 -43.03 -1.78
N HIS A 42 4.98 -42.31 -0.68
CA HIS A 42 4.33 -41.01 -0.48
C HIS A 42 5.11 -39.91 -1.21
N VAL A 43 4.38 -38.97 -1.79
CA VAL A 43 4.95 -37.90 -2.57
C VAL A 43 4.18 -36.61 -2.27
N ALA A 44 4.71 -35.50 -2.76
CA ALA A 44 4.04 -34.20 -2.64
C ALA A 44 3.59 -33.76 -4.03
N VAL A 45 2.35 -33.31 -4.16
CA VAL A 45 1.86 -32.87 -5.46
C VAL A 45 1.42 -31.44 -5.34
N LYS A 46 2.03 -30.57 -6.13
CA LYS A 46 1.61 -29.19 -6.20
C LYS A 46 0.52 -29.02 -7.27
N ILE A 47 -0.65 -28.57 -6.85
CA ILE A 47 -1.81 -28.34 -7.73
C ILE A 47 -1.94 -26.85 -7.97
N VAL A 48 -1.76 -26.44 -9.21
CA VAL A 48 -1.65 -25.05 -9.59
C VAL A 48 -3.00 -24.49 -10.02
N LYS A 49 -3.31 -23.29 -9.53
CA LYS A 49 -4.55 -22.60 -9.91
C LYS A 49 -4.69 -22.50 -11.41
N ASN A 50 -5.92 -22.66 -11.88
CA ASN A 50 -6.23 -22.46 -13.30
C ASN A 50 -6.44 -20.99 -13.61
N VAL A 51 -5.32 -20.28 -13.64
CA VAL A 51 -5.24 -18.84 -13.81
C VAL A 51 -3.94 -18.61 -14.59
N ASP A 52 -4.01 -17.74 -15.59
CA ASP A 52 -2.96 -17.63 -16.59
C ASP A 52 -1.58 -17.36 -16.04
N ARG A 53 -1.43 -16.39 -15.15
CA ARG A 53 -0.10 -16.10 -14.62
C ARG A 53 0.54 -17.30 -13.89
N TYR A 54 -0.25 -18.09 -13.15
CA TYR A 54 0.29 -19.25 -12.43
C TYR A 54 0.54 -20.46 -13.31
N CYS A 55 -0.26 -20.63 -14.36
CA CYS A 55 -0.02 -21.69 -15.36
C CYS A 55 1.30 -21.43 -16.11
N GLU A 56 1.54 -20.15 -16.45
CA GLU A 56 2.76 -19.75 -17.12
C GLU A 56 4.02 -19.99 -16.25
N ALA A 57 3.89 -19.60 -14.98
CA ALA A 57 4.93 -19.82 -13.98
C ALA A 57 5.23 -21.31 -13.75
N ALA A 58 4.18 -22.11 -13.72
CA ALA A 58 4.32 -23.56 -13.58
C ALA A 58 5.06 -24.17 -14.77
N ARG A 59 4.74 -23.73 -15.99
CA ARG A 59 5.44 -24.23 -17.19
CA ARG A 59 5.43 -24.22 -17.18
C ARG A 59 6.93 -23.84 -17.13
N SER A 60 7.22 -22.63 -16.68
CA SER A 60 8.61 -22.16 -16.54
C SER A 60 9.36 -23.01 -15.51
N GLU A 61 8.73 -23.23 -14.34
CA GLU A 61 9.33 -24.04 -13.25
C GLU A 61 9.70 -25.43 -13.74
N ILE A 62 8.81 -26.04 -14.52
CA ILE A 62 9.07 -27.36 -15.10
C ILE A 62 10.34 -27.35 -15.94
N GLN A 63 10.54 -26.34 -16.76
CA GLN A 63 11.77 -26.28 -17.58
C GLN A 63 13.05 -26.10 -16.73
N VAL A 64 13.02 -25.17 -15.77
CA VAL A 64 14.11 -24.92 -14.85
C VAL A 64 14.51 -26.19 -14.09
N LEU A 65 13.53 -26.87 -13.49
CA LEU A 65 13.85 -28.08 -12.72
C LEU A 65 14.39 -29.25 -13.56
N GLU A 66 13.93 -29.38 -14.79
CA GLU A 66 14.47 -30.39 -15.70
C GLU A 66 15.96 -30.19 -15.93
N HIS A 67 16.33 -28.94 -16.15
CA HIS A 67 17.70 -28.55 -16.32
C HIS A 67 18.51 -28.80 -15.01
N LEU A 68 18.04 -28.32 -13.87
CA LEU A 68 18.77 -28.48 -12.61
C LEU A 68 18.87 -29.92 -12.10
N ASN A 69 17.78 -30.67 -12.17
CA ASN A 69 17.82 -32.07 -11.75
C ASN A 69 18.73 -32.93 -12.65
N THR A 70 18.80 -32.66 -13.97
CA THR A 70 19.73 -33.42 -14.83
C THR A 70 21.21 -33.00 -14.59
N THR A 71 21.47 -31.70 -14.41
CA THR A 71 22.84 -31.21 -14.10
C THR A 71 23.38 -31.74 -12.75
N ASP A 72 22.48 -31.86 -11.75
CA ASP A 72 22.80 -32.34 -10.41
C ASP A 72 21.84 -33.47 -9.99
N PRO A 73 22.02 -34.69 -10.56
CA PRO A 73 21.05 -35.77 -10.35
C PRO A 73 20.95 -36.30 -8.91
N ASN A 74 22.03 -36.17 -8.11
CA ASN A 74 21.98 -36.61 -6.69
C ASN A 74 21.59 -35.53 -5.69
N SER A 75 21.20 -34.34 -6.18
CA SER A 75 20.78 -33.23 -5.32
C SER A 75 21.90 -32.84 -4.34
N THR A 76 23.15 -32.91 -4.82
CA THR A 76 24.30 -32.41 -4.04
C THR A 76 24.12 -30.94 -3.60
N PHE A 77 23.47 -30.15 -4.46
CA PHE A 77 23.26 -28.74 -4.21
C PHE A 77 21.83 -28.39 -3.71
N ARG A 78 21.08 -29.41 -3.33
CA ARG A 78 19.88 -29.26 -2.51
C ARG A 78 18.69 -28.52 -3.14
N CYS A 79 18.58 -28.58 -4.47
CA CYS A 79 17.34 -28.23 -5.14
C CYS A 79 16.38 -29.43 -5.10
N VAL A 80 15.11 -29.16 -4.80
CA VAL A 80 14.08 -30.23 -4.73
C VAL A 80 14.01 -31.04 -6.03
N GLN A 81 13.80 -32.36 -5.91
CA GLN A 81 13.66 -33.27 -7.06
C GLN A 81 12.21 -33.30 -7.58
N MET A 82 12.03 -32.90 -8.84
CA MET A 82 10.74 -33.08 -9.54
C MET A 82 10.68 -34.48 -10.12
N LEU A 83 9.58 -35.21 -9.86
CA LEU A 83 9.43 -36.60 -10.34
C LEU A 83 8.66 -36.73 -11.64
N GLU A 84 7.58 -35.97 -11.81
CA GLU A 84 6.81 -35.92 -13.05
CA GLU A 84 6.89 -35.84 -13.10
C GLU A 84 5.85 -34.73 -13.02
N TRP A 85 5.18 -34.46 -14.13
CA TRP A 85 4.04 -33.53 -14.13
C TRP A 85 2.87 -34.08 -14.99
N PHE A 86 1.68 -33.52 -14.81
CA PHE A 86 0.48 -33.89 -15.59
C PHE A 86 -0.64 -32.85 -15.41
N GLU A 87 -1.73 -33.01 -16.17
CA GLU A 87 -2.89 -32.13 -16.11
C GLU A 87 -4.11 -32.88 -15.60
N HIS A 88 -4.91 -32.21 -14.78
CA HIS A 88 -6.05 -32.82 -14.10
C HIS A 88 -7.15 -31.80 -14.02
N HIS A 89 -8.24 -32.07 -14.76
CA HIS A 89 -9.40 -31.18 -14.87
C HIS A 89 -8.99 -29.73 -15.10
N GLY A 90 -8.11 -29.49 -16.07
CA GLY A 90 -7.63 -28.11 -16.35
C GLY A 90 -6.58 -27.49 -15.39
N HIS A 91 -6.05 -28.26 -14.42
CA HIS A 91 -5.03 -27.75 -13.50
C HIS A 91 -3.71 -28.44 -13.76
N ILE A 92 -2.63 -27.67 -13.88
CA ILE A 92 -1.27 -28.26 -13.91
C ILE A 92 -0.89 -28.80 -12.52
N CYS A 93 -0.35 -29.99 -12.48
CA CYS A 93 0.04 -30.65 -11.24
C CYS A 93 1.48 -31.11 -11.38
N ILE A 94 2.33 -30.77 -10.40
CA ILE A 94 3.76 -31.16 -10.45
C ILE A 94 4.05 -32.01 -9.24
N VAL A 95 4.70 -33.16 -9.47
CA VAL A 95 4.95 -34.16 -8.43
C VAL A 95 6.41 -34.01 -7.96
N PHE A 96 6.64 -33.97 -6.62
CA PHE A 96 7.96 -33.81 -6.03
C PHE A 96 8.19 -34.87 -4.97
N GLU A 97 9.46 -35.13 -4.66
CA GLU A 97 9.84 -35.88 -3.48
C GLU A 97 9.14 -35.22 -2.28
N LEU A 98 8.73 -36.03 -1.31
CA LEU A 98 8.06 -35.51 -0.12
C LEU A 98 9.09 -35.06 0.92
N LEU A 99 9.01 -33.81 1.32
CA LEU A 99 9.89 -33.21 2.34
C LEU A 99 9.07 -32.94 3.60
N GLY A 100 9.71 -32.34 4.61
CA GLY A 100 9.03 -31.89 5.82
C GLY A 100 8.57 -30.45 5.68
N LEU A 101 8.17 -29.89 6.80
CA LEU A 101 7.63 -28.52 6.85
C LEU A 101 8.61 -27.47 6.32
N SER A 102 8.08 -26.34 5.87
CA SER A 102 8.88 -25.18 5.60
C SER A 102 9.45 -24.60 6.89
N THR A 103 10.52 -23.82 6.74
CA THR A 103 11.19 -23.21 7.92
C THR A 103 10.26 -22.21 8.56
N TYR A 104 9.43 -21.53 7.75
CA TYR A 104 8.40 -20.62 8.25
C TYR A 104 7.41 -21.36 9.16
N ASP A 105 6.87 -22.49 8.66
CA ASP A 105 5.88 -23.28 9.39
C ASP A 105 6.42 -23.78 10.71
N PHE A 106 7.69 -24.17 10.72
CA PHE A 106 8.32 -24.65 11.98
C PHE A 106 8.36 -23.56 13.04
N ILE A 107 8.75 -22.35 12.62
CA ILE A 107 8.79 -21.19 13.49
C ILE A 107 7.41 -20.89 14.05
N LYS A 108 6.42 -20.91 13.17
CA LYS A 108 5.04 -20.63 13.55
C LYS A 108 4.52 -21.63 14.58
N GLU A 109 4.70 -22.92 14.30
CA GLU A 109 4.27 -23.99 15.19
C GLU A 109 5.02 -24.05 16.53
N ASN A 110 6.18 -23.37 16.63
CA ASN A 110 6.97 -23.29 17.85
C ASN A 110 6.76 -21.93 18.55
N GLY A 111 5.66 -21.25 18.22
CA GLY A 111 5.31 -20.01 18.90
C GLY A 111 6.12 -18.77 18.52
N PHE A 112 6.58 -18.73 17.26
CA PHE A 112 7.44 -17.67 16.75
C PHE A 112 8.69 -17.50 17.61
N LEU A 113 9.36 -18.61 17.85
CA LEU A 113 10.63 -18.59 18.53
C LEU A 113 11.71 -18.79 17.50
N PRO A 114 12.88 -18.22 17.75
CA PRO A 114 13.97 -18.34 16.80
C PRO A 114 14.61 -19.72 16.80
N PHE A 115 15.31 -20.06 15.73
CA PHE A 115 16.19 -21.22 15.71
C PHE A 115 17.44 -20.91 16.56
N ARG A 116 18.06 -21.94 17.11
CA ARG A 116 19.30 -21.70 17.83
C ARG A 116 20.49 -21.62 16.84
N LEU A 117 21.54 -20.93 17.28
CA LEU A 117 22.57 -20.40 16.40
C LEU A 117 23.38 -21.44 15.63
N ASP A 118 23.65 -22.58 16.24
CA ASP A 118 24.33 -23.68 15.52
C ASP A 118 23.47 -24.26 14.37
N HIS A 119 22.15 -24.28 14.52
CA HIS A 119 21.25 -24.66 13.41
C HIS A 119 21.21 -23.59 12.33
N ILE A 120 21.12 -22.32 12.73
CA ILE A 120 21.18 -21.22 11.80
C ILE A 120 22.44 -21.33 10.93
N ARG A 121 23.59 -21.63 11.53
CA ARG A 121 24.88 -21.70 10.80
C ARG A 121 24.81 -22.79 9.70
N LYS A 122 24.33 -23.98 10.05
CA LYS A 122 24.20 -25.07 9.08
C LYS A 122 23.18 -24.73 7.98
N MET A 123 22.03 -24.20 8.37
CA MET A 123 20.95 -23.88 7.40
C MET A 123 21.45 -22.80 6.42
N ALA A 124 22.07 -21.76 6.95
CA ALA A 124 22.63 -20.66 6.15
C ALA A 124 23.67 -21.14 5.17
N TYR A 125 24.54 -22.04 5.62
CA TYR A 125 25.57 -22.60 4.77
C TYR A 125 24.96 -23.37 3.57
N GLN A 126 24.00 -24.23 3.85
CA GLN A 126 23.25 -24.97 2.81
C GLN A 126 22.48 -24.07 1.85
N ILE A 127 21.81 -23.05 2.38
CA ILE A 127 21.08 -22.10 1.52
C ILE A 127 22.06 -21.35 0.59
N CYS A 128 23.17 -20.83 1.14
CA CYS A 128 24.18 -20.14 0.33
C CYS A 128 24.81 -21.05 -0.72
N LYS A 129 25.07 -22.28 -0.35
CA LYS A 129 25.61 -23.28 -1.29
C LYS A 129 24.63 -23.61 -2.43
N SER A 130 23.34 -23.78 -2.09
CA SER A 130 22.31 -24.13 -3.06
C SER A 130 22.11 -22.99 -4.06
N VAL A 131 21.93 -21.78 -3.55
CA VAL A 131 21.64 -20.64 -4.40
C VAL A 131 22.88 -20.20 -5.21
N ASN A 132 24.09 -20.40 -4.65
CA ASN A 132 25.30 -20.17 -5.42
C ASN A 132 25.36 -21.11 -6.64
N PHE A 133 24.89 -22.35 -6.49
CA PHE A 133 24.82 -23.30 -7.61
C PHE A 133 23.87 -22.79 -8.69
N LEU A 134 22.75 -22.17 -8.29
CA LEU A 134 21.91 -21.49 -9.25
C LEU A 134 22.66 -20.36 -9.94
N HIS A 135 23.32 -19.51 -9.14
CA HIS A 135 24.14 -18.40 -9.69
C HIS A 135 25.24 -18.85 -10.64
N SER A 136 25.82 -20.03 -10.41
CA SER A 136 26.83 -20.57 -11.35
C SER A 136 26.29 -21.06 -12.68
N ASN A 137 24.98 -21.30 -12.76
CA ASN A 137 24.31 -21.76 -13.99
C ASN A 137 23.40 -20.68 -14.57
N LYS A 138 23.75 -19.42 -14.36
CA LYS A 138 23.10 -18.29 -15.01
C LYS A 138 21.64 -18.05 -14.64
N LEU A 139 21.31 -18.42 -13.43
CA LEU A 139 20.00 -18.23 -12.87
C LEU A 139 20.00 -17.30 -11.65
N THR A 140 18.88 -16.60 -11.49
CA THR A 140 18.50 -15.92 -10.25
C THR A 140 17.11 -16.48 -9.83
N HIS A 141 16.95 -16.79 -8.55
CA HIS A 141 15.68 -17.34 -8.01
C HIS A 141 14.58 -16.28 -7.94
N THR A 142 14.93 -15.12 -7.36
CA THR A 142 14.09 -13.91 -7.23
C THR A 142 13.01 -13.95 -6.14
N ASP A 143 12.72 -15.13 -5.56
CA ASP A 143 11.63 -15.27 -4.59
C ASP A 143 12.05 -16.11 -3.36
N LEU A 144 13.24 -15.86 -2.85
CA LEU A 144 13.70 -16.56 -1.65
C LEU A 144 13.01 -15.99 -0.39
N LYS A 145 12.53 -16.90 0.45
CA LYS A 145 11.87 -16.56 1.71
C LYS A 145 11.69 -17.85 2.52
N PRO A 146 11.36 -17.73 3.82
CA PRO A 146 11.37 -18.96 4.66
C PRO A 146 10.35 -20.03 4.30
N GLU A 147 9.25 -19.62 3.69
CA GLU A 147 8.24 -20.55 3.13
C GLU A 147 8.82 -21.43 2.04
N ASN A 148 9.84 -20.93 1.31
CA ASN A 148 10.47 -21.63 0.19
C ASN A 148 11.76 -22.37 0.56
N ILE A 149 12.08 -22.44 1.86
CA ILE A 149 13.14 -23.30 2.36
C ILE A 149 12.46 -24.36 3.23
N LEU A 150 12.70 -25.62 2.93
CA LEU A 150 11.99 -26.73 3.60
C LEU A 150 12.98 -27.71 4.22
N PHE A 151 12.63 -28.23 5.40
CA PHE A 151 13.43 -29.25 6.06
C PHE A 151 13.26 -30.56 5.35
N VAL A 152 14.38 -31.27 5.14
CA VAL A 152 14.31 -32.64 4.61
C VAL A 152 13.50 -33.50 5.58
N GLN A 153 13.74 -33.33 6.88
CA GLN A 153 12.95 -33.96 7.95
C GLN A 153 12.73 -32.95 9.06
N SER A 154 11.48 -32.76 9.46
CA SER A 154 11.09 -31.70 10.40
C SER A 154 10.77 -32.25 11.79
N ASP A 155 11.11 -33.51 12.07
CA ASP A 155 10.94 -34.06 13.41
C ASP A 155 11.74 -33.33 14.51
N TYR A 156 11.17 -33.27 15.71
CA TYR A 156 11.74 -32.57 16.84
C TYR A 156 11.64 -33.34 18.19
N THR A 157 12.47 -32.95 19.16
CA THR A 157 12.31 -33.32 20.58
C THR A 157 11.73 -32.09 21.34
N GLU A 158 11.07 -32.29 22.50
CA GLU A 158 10.29 -31.24 23.18
C GLU A 158 10.58 -31.17 24.70
N ALA A 159 10.86 -29.96 25.23
CA ALA A 159 11.16 -29.77 26.68
C ALA A 159 10.68 -28.39 27.22
N TYR A 160 10.42 -28.33 28.53
CA TYR A 160 10.11 -27.07 29.22
C TYR A 160 11.40 -26.26 29.36
N ASN A 161 11.36 -25.01 28.91
CA ASN A 161 12.50 -24.09 29.03
C ASN A 161 12.21 -23.15 30.22
N PRO A 162 12.92 -23.33 31.36
CA PRO A 162 12.68 -22.47 32.54
C PRO A 162 12.95 -20.97 32.31
N LYS A 163 13.94 -20.65 31.47
CA LYS A 163 14.29 -19.25 31.15
C LYS A 163 13.16 -18.39 30.59
N ILE A 164 12.23 -19.00 29.85
CA ILE A 164 11.11 -18.26 29.22
C ILE A 164 9.70 -18.73 29.70
N LYS A 165 9.68 -19.61 30.71
CA LYS A 165 8.43 -20.18 31.23
C LYS A 165 7.48 -20.72 30.13
N ARG A 166 8.02 -21.44 29.13
CA ARG A 166 7.19 -22.04 28.02
C ARG A 166 7.86 -23.35 27.43
N ASP A 167 7.03 -24.27 26.91
CA ASP A 167 7.54 -25.49 26.22
C ASP A 167 8.18 -25.12 24.88
N GLU A 168 9.20 -25.88 24.47
CA GLU A 168 10.02 -25.51 23.31
C GLU A 168 10.50 -26.74 22.53
N ARG A 169 10.47 -26.61 21.21
CA ARG A 169 10.82 -27.71 20.33
C ARG A 169 12.19 -27.53 19.72
N THR A 170 12.89 -28.64 19.58
CA THR A 170 14.26 -28.65 19.08
C THR A 170 14.34 -29.62 17.93
N LEU A 171 14.51 -29.06 16.77
CA LEU A 171 14.84 -29.83 15.58
C LEU A 171 15.91 -30.88 15.84
N ILE A 172 15.72 -32.07 15.30
CA ILE A 172 16.73 -33.13 15.32
C ILE A 172 17.72 -33.00 14.20
N ASN A 173 17.25 -32.73 12.99
CA ASN A 173 18.13 -32.61 11.83
C ASN A 173 17.77 -31.33 11.02
N PRO A 174 18.70 -30.36 10.97
CA PRO A 174 18.42 -29.08 10.31
C PRO A 174 18.63 -29.05 8.80
N ASP A 175 18.94 -30.16 8.14
CA ASP A 175 19.16 -30.16 6.69
C ASP A 175 17.91 -29.62 5.89
N ILE A 176 18.16 -28.86 4.83
CA ILE A 176 17.11 -28.20 4.06
C ILE A 176 17.22 -28.44 2.56
N LYS A 177 16.16 -28.05 1.85
CA LYS A 177 16.19 -27.88 0.37
C LYS A 177 15.50 -26.60 -0.05
N VAL A 178 15.84 -26.10 -1.23
CA VAL A 178 15.19 -24.93 -1.81
C VAL A 178 14.07 -25.37 -2.82
N VAL A 179 12.92 -24.69 -2.78
CA VAL A 179 11.79 -24.97 -3.72
C VAL A 179 11.32 -23.71 -4.40
N ASP A 180 10.35 -23.89 -5.31
CA ASP A 180 9.68 -22.83 -6.05
C ASP A 180 10.59 -22.10 -7.06
N PHE A 181 10.67 -22.68 -8.25
CA PHE A 181 11.44 -22.14 -9.35
C PHE A 181 10.59 -21.52 -10.49
N GLY A 182 9.39 -21.07 -10.14
CA GLY A 182 8.48 -20.44 -11.07
C GLY A 182 8.73 -18.98 -11.39
N SER A 183 9.57 -18.27 -10.60
CA SER A 183 10.01 -16.90 -10.95
C SER A 183 11.48 -16.83 -11.38
N ALA A 184 12.17 -17.97 -11.35
CA ALA A 184 13.56 -18.05 -11.68
C ALA A 184 13.83 -17.62 -13.12
N THR A 185 14.89 -16.86 -13.34
CA THR A 185 15.11 -16.18 -14.61
C THR A 185 16.57 -16.36 -15.01
N TYR A 186 16.80 -16.77 -16.28
CA TYR A 186 18.15 -16.85 -16.83
C TYR A 186 18.75 -15.47 -17.18
N ASP A 187 20.08 -15.36 -17.08
CA ASP A 187 20.83 -14.12 -17.49
C ASP A 187 20.39 -13.60 -18.87
N ASP A 188 20.16 -14.52 -19.81
CA ASP A 188 19.81 -14.17 -21.20
C ASP A 188 18.29 -14.00 -21.51
N GLU A 189 17.42 -14.05 -20.50
CA GLU A 189 15.98 -13.80 -20.69
C GLU A 189 15.63 -12.37 -20.28
N HIS A 190 14.42 -11.95 -20.64
CA HIS A 190 13.93 -10.66 -20.20
C HIS A 190 13.73 -10.65 -18.67
N HIS A 191 14.22 -9.58 -18.05
CA HIS A 191 14.00 -9.29 -16.64
C HIS A 191 12.93 -8.23 -16.49
N SER A 192 11.73 -8.65 -16.14
CA SER A 192 10.69 -7.69 -15.79
C SER A 192 11.27 -6.77 -14.67
N THR A 193 11.30 -5.44 -14.90
CA THR A 193 11.53 -4.48 -13.78
C THR A 193 10.38 -4.57 -12.77
N LEU A 194 9.15 -4.70 -13.24
CA LEU A 194 7.98 -4.96 -12.38
C LEU A 194 8.10 -6.34 -11.74
N VAL A 195 7.89 -6.44 -10.41
CA VAL A 195 7.72 -7.76 -9.75
C VAL A 195 6.62 -7.73 -8.67
N SER A 196 6.09 -8.93 -8.36
CA SER A 196 4.80 -9.07 -7.61
C SER A 196 4.99 -8.96 -6.02
N THR A 197 4.18 -9.72 -5.27
CA THR A 197 4.05 -9.58 -3.78
C THR A 197 5.26 -10.21 -2.99
N ARG A 198 6.02 -9.41 -2.19
CA ARG A 198 7.14 -9.91 -1.26
C ARG A 198 7.88 -8.79 -0.37
N HIS A 199 8.28 -9.12 0.88
CA HIS A 199 9.22 -8.23 1.72
C HIS A 199 10.63 -8.75 2.03
N TYR A 200 11.06 -9.51 1.05
CA TYR A 200 12.43 -9.93 0.92
C TYR A 200 12.97 -9.31 -0.37
N ARG A 201 12.40 -8.17 -0.74
CA ARG A 201 12.70 -7.54 -1.98
C ARG A 201 13.82 -6.47 -1.87
N ALA A 202 14.80 -6.58 -2.76
CA ALA A 202 16.00 -5.72 -2.73
C ALA A 202 15.68 -4.28 -3.15
N PRO A 203 16.46 -3.31 -2.65
CA PRO A 203 16.21 -1.92 -2.98
C PRO A 203 16.33 -1.60 -4.48
N GLU A 204 17.27 -2.22 -5.20
CA GLU A 204 17.35 -2.08 -6.66
C GLU A 204 16.07 -2.54 -7.41
N VAL A 205 15.34 -3.51 -6.85
CA VAL A 205 14.04 -3.98 -7.39
C VAL A 205 12.94 -2.94 -7.12
N ILE A 206 12.79 -2.56 -5.86
CA ILE A 206 11.82 -1.50 -5.50
C ILE A 206 12.01 -0.22 -6.32
N LEU A 207 13.26 0.19 -6.55
CA LEU A 207 13.57 1.42 -7.32
C LEU A 207 13.72 1.22 -8.84
N ALA A 208 13.47 0.00 -9.32
CA ALA A 208 13.45 -0.31 -10.75
C ALA A 208 14.77 0.06 -11.45
N LEU A 209 15.89 -0.28 -10.83
CA LEU A 209 17.20 0.00 -11.41
C LEU A 209 17.79 -1.15 -12.19
N GLY A 210 17.06 -2.25 -12.33
CA GLY A 210 17.62 -3.46 -12.90
C GLY A 210 18.15 -4.35 -11.79
N TRP A 211 18.11 -5.67 -12.02
CA TRP A 211 18.49 -6.61 -11.02
C TRP A 211 19.06 -7.87 -11.64
N SER A 212 19.85 -8.59 -10.86
CA SER A 212 20.31 -9.91 -11.24
C SER A 212 20.68 -10.67 -9.94
N GLN A 213 21.72 -11.50 -9.98
CA GLN A 213 22.04 -12.37 -8.86
C GLN A 213 22.07 -11.67 -7.51
N PRO A 214 22.61 -10.44 -7.41
CA PRO A 214 22.68 -9.86 -6.07
C PRO A 214 21.34 -9.70 -5.34
N CYS A 215 20.21 -9.59 -6.04
CA CYS A 215 18.93 -9.46 -5.34
C CYS A 215 18.63 -10.70 -4.46
N ASP A 216 19.13 -11.88 -4.84
CA ASP A 216 19.01 -13.08 -4.03
C ASP A 216 19.81 -12.96 -2.74
N VAL A 217 20.99 -12.33 -2.82
CA VAL A 217 21.83 -12.15 -1.61
C VAL A 217 21.11 -11.28 -0.57
N TRP A 218 20.47 -10.20 -1.04
CA TRP A 218 19.67 -9.37 -0.16
C TRP A 218 18.60 -10.23 0.53
N SER A 219 17.86 -11.03 -0.23
CA SER A 219 16.79 -11.87 0.34
C SER A 219 17.30 -12.82 1.44
N ILE A 220 18.44 -13.44 1.20
CA ILE A 220 19.06 -14.37 2.14
C ILE A 220 19.42 -13.65 3.47
N GLY A 221 19.89 -12.40 3.37
CA GLY A 221 20.12 -11.61 4.58
C GLY A 221 18.85 -11.41 5.43
N CYS A 222 17.75 -11.10 4.76
CA CYS A 222 16.44 -10.95 5.43
C CYS A 222 16.00 -12.25 6.09
N ILE A 223 16.26 -13.38 5.44
CA ILE A 223 15.89 -14.71 5.98
C ILE A 223 16.71 -15.00 7.26
N LEU A 224 18.01 -14.75 7.20
CA LEU A 224 18.88 -15.05 8.35
C LEU A 224 18.50 -14.26 9.61
N ILE A 225 18.14 -12.98 9.45
CA ILE A 225 17.62 -12.17 10.55
C ILE A 225 16.33 -12.72 11.14
N GLU A 226 15.43 -13.19 10.28
CA GLU A 226 14.22 -13.86 10.72
C GLU A 226 14.43 -15.10 11.53
N TYR A 227 15.34 -15.95 11.06
CA TYR A 227 15.69 -17.15 11.80
C TYR A 227 16.24 -16.80 13.20
N TYR A 228 17.02 -15.70 13.27
CA TYR A 228 17.68 -15.27 14.53
C TYR A 228 16.69 -14.62 15.51
N LEU A 229 15.72 -13.87 14.99
CA LEU A 229 14.74 -13.18 15.83
C LEU A 229 13.41 -13.91 16.03
N GLY A 230 12.98 -14.73 15.05
CA GLY A 230 11.68 -15.36 15.07
C GLY A 230 10.59 -14.54 14.38
N PHE A 231 10.94 -13.38 13.83
CA PHE A 231 9.99 -12.49 13.16
C PHE A 231 10.65 -11.63 12.08
N THR A 232 9.85 -11.10 11.15
CA THR A 232 10.41 -10.25 10.07
C THR A 232 10.75 -8.86 10.55
N VAL A 233 11.85 -8.31 10.02
CA VAL A 233 12.23 -6.92 10.32
C VAL A 233 11.54 -5.88 9.43
N PHE A 234 10.90 -6.33 8.34
CA PHE A 234 10.18 -5.45 7.41
C PHE A 234 8.71 -5.82 7.32
N PRO A 235 7.96 -5.67 8.43
CA PRO A 235 6.53 -6.04 8.40
C PRO A 235 5.71 -4.95 7.74
N THR A 236 5.67 -4.97 6.42
CA THR A 236 4.94 -3.96 5.65
C THR A 236 4.49 -4.48 4.29
N HIS A 237 3.45 -3.83 3.75
CA HIS A 237 2.96 -4.11 2.39
C HIS A 237 2.94 -2.84 1.52
N ASP A 238 3.66 -1.79 1.93
CA ASP A 238 3.73 -0.54 1.20
C ASP A 238 5.19 -0.22 0.88
N SER A 239 5.49 0.05 -0.39
CA SER A 239 6.88 0.28 -0.84
C SER A 239 7.59 1.44 -0.15
N LYS A 240 6.88 2.55 0.00
CA LYS A 240 7.45 3.75 0.61
C LYS A 240 7.80 3.49 2.08
N GLU A 241 6.85 2.87 2.80
CA GLU A 241 7.07 2.48 4.19
C GLU A 241 8.28 1.54 4.34
N HIS A 242 8.40 0.61 3.39
CA HIS A 242 9.49 -0.34 3.36
C HIS A 242 10.83 0.40 3.27
N LEU A 243 10.91 1.38 2.39
CA LEU A 243 12.12 2.18 2.25
C LEU A 243 12.42 2.98 3.52
N ALA A 244 11.37 3.48 4.18
CA ALA A 244 11.52 4.14 5.49
C ALA A 244 12.07 3.19 6.56
N MET A 245 11.58 1.95 6.57
CA MET A 245 12.12 0.94 7.47
C MET A 245 13.60 0.62 7.21
N MET A 246 14.00 0.54 5.94
CA MET A 246 15.39 0.30 5.57
C MET A 246 16.29 1.40 6.10
N GLU A 247 15.85 2.66 5.96
CA GLU A 247 16.64 3.79 6.42
C GLU A 247 16.89 3.77 7.92
N ARG A 248 15.90 3.35 8.68
CA ARG A 248 16.01 3.27 10.11
C ARG A 248 16.94 2.15 10.55
N ILE A 249 16.95 1.03 9.82
CA ILE A 249 17.78 -0.13 10.20
C ILE A 249 19.21 -0.04 9.65
N LEU A 250 19.36 0.51 8.45
CA LEU A 250 20.63 0.47 7.72
C LEU A 250 21.22 1.83 7.38
N GLY A 251 20.51 2.91 7.70
CA GLY A 251 20.93 4.28 7.32
C GLY A 251 20.40 4.72 5.97
N PRO A 252 20.70 5.97 5.58
CA PRO A 252 20.13 6.50 4.33
C PRO A 252 20.64 5.87 3.04
N LEU A 253 19.81 5.91 2.02
CA LEU A 253 20.10 5.27 0.73
C LEU A 253 21.21 6.05 0.03
N PRO A 254 22.06 5.36 -0.77
CA PRO A 254 23.07 6.06 -1.56
C PRO A 254 22.45 7.09 -2.52
N LYS A 255 23.06 8.29 -2.58
CA LYS A 255 22.59 9.37 -3.46
C LYS A 255 22.51 8.95 -4.92
N HIS A 256 23.52 8.24 -5.42
CA HIS A 256 23.53 7.85 -6.84
C HIS A 256 22.34 6.94 -7.24
N MET A 257 21.86 6.09 -6.32
CA MET A 257 20.66 5.27 -6.57
C MET A 257 19.40 6.13 -6.58
N ILE A 258 19.29 7.07 -5.64
CA ILE A 258 18.17 8.01 -5.60
C ILE A 258 18.09 8.87 -6.89
N GLN A 259 19.25 9.25 -7.42
CA GLN A 259 19.33 10.01 -8.67
C GLN A 259 18.97 9.20 -9.93
N LYS A 260 19.36 7.92 -9.99
CA LYS A 260 19.07 7.09 -11.16
C LYS A 260 17.61 6.61 -11.27
N THR A 261 16.89 6.45 -10.15
CA THR A 261 15.55 5.83 -10.22
C THR A 261 14.55 6.70 -10.98
N ARG A 262 13.73 6.05 -11.80
CA ARG A 262 12.63 6.74 -12.45
C ARG A 262 11.39 6.78 -11.54
N LYS A 263 11.43 6.08 -10.40
CA LYS A 263 10.34 6.12 -9.40
C LYS A 263 10.39 7.40 -8.54
N ARG A 264 10.09 8.54 -9.15
CA ARG A 264 10.23 9.84 -8.50
C ARG A 264 9.22 10.09 -7.37
N LYS A 265 8.08 9.40 -7.38
CA LYS A 265 7.06 9.54 -6.33
C LYS A 265 7.59 9.43 -4.89
N TYR A 266 8.62 8.59 -4.68
CA TYR A 266 9.16 8.32 -3.35
C TYR A 266 10.02 9.45 -2.74
N PHE A 267 10.41 10.45 -3.53
CA PHE A 267 11.48 11.39 -3.12
C PHE A 267 11.10 12.87 -3.30
N HIS A 268 11.53 13.72 -2.36
CA HIS A 268 11.49 15.18 -2.50
C HIS A 268 12.92 15.71 -2.33
N HIS A 269 13.32 16.61 -3.22
CA HIS A 269 14.73 16.90 -3.47
C HIS A 269 15.44 15.56 -3.71
N ASP A 270 16.33 15.13 -2.80
CA ASP A 270 16.93 13.79 -2.95
C ASP A 270 16.92 13.02 -1.61
N ARG A 271 15.77 13.11 -0.96
CA ARG A 271 15.51 12.52 0.35
C ARG A 271 14.22 11.74 0.22
N LEU A 272 14.08 10.68 1.01
CA LEU A 272 12.81 9.95 1.05
C LEU A 272 11.70 10.86 1.59
N ASP A 273 10.61 10.98 0.82
CA ASP A 273 9.48 11.86 1.17
C ASP A 273 8.58 11.15 2.19
N TRP A 274 9.03 11.19 3.45
CA TRP A 274 8.43 10.41 4.54
C TRP A 274 8.21 11.30 5.76
N ASP A 275 6.95 11.48 6.15
CA ASP A 275 6.60 12.23 7.36
C ASP A 275 6.83 11.35 8.59
N GLU A 276 7.90 11.64 9.34
CA GLU A 276 8.27 10.90 10.56
C GLU A 276 7.21 10.98 11.66
N HIS A 277 6.41 12.06 11.69
CA HIS A 277 5.42 12.31 12.75
C HIS A 277 3.97 11.97 12.36
N SER A 278 3.76 11.20 11.30
CA SER A 278 2.43 10.68 10.97
C SER A 278 2.15 9.43 11.80
N SER A 279 0.92 8.92 11.68
CA SER A 279 0.55 7.64 12.29
C SER A 279 1.57 6.55 11.90
N ALA A 280 1.71 6.31 10.60
CA ALA A 280 2.64 5.32 10.06
C ALA A 280 4.10 5.58 10.41
N GLY A 281 4.49 6.86 10.43
CA GLY A 281 5.88 7.24 10.75
C GLY A 281 6.30 6.89 12.17
N ARG A 282 5.43 7.18 13.14
CA ARG A 282 5.68 6.81 14.55
C ARG A 282 5.76 5.28 14.75
N TYR A 283 5.00 4.53 13.96
CA TYR A 283 5.07 3.04 13.96
C TYR A 283 6.43 2.54 13.47
N VAL A 284 6.95 3.15 12.39
CA VAL A 284 8.30 2.81 11.87
C VAL A 284 9.41 3.08 12.90
N SER A 285 9.37 4.23 13.57
CA SER A 285 10.35 4.57 14.63
C SER A 285 10.34 3.62 15.82
N ARG A 286 9.15 3.15 16.18
CA ARG A 286 8.93 2.27 17.32
C ARG A 286 9.26 0.78 17.04
N ALA A 287 9.03 0.32 15.81
CA ALA A 287 9.28 -1.07 15.44
C ALA A 287 10.70 -1.33 14.89
N CYS A 288 11.33 -0.31 14.32
CA CYS A 288 12.64 -0.48 13.70
C CYS A 288 13.71 0.32 14.43
N LYS A 289 14.94 -0.21 14.42
CA LYS A 289 16.10 0.45 15.03
C LYS A 289 17.34 -0.02 14.26
N PRO A 290 18.51 0.64 14.45
CA PRO A 290 19.70 0.21 13.73
C PRO A 290 20.00 -1.30 13.90
N LEU A 291 20.50 -1.90 12.84
CA LEU A 291 20.66 -3.35 12.74
C LEU A 291 21.29 -4.03 13.97
N LYS A 292 22.43 -3.52 14.43
CA LYS A 292 23.17 -4.19 15.49
C LYS A 292 22.43 -4.17 16.83
N GLU A 293 21.53 -3.22 17.04
CA GLU A 293 20.72 -3.21 18.25
C GLU A 293 19.74 -4.42 18.33
N PHE A 294 19.51 -5.16 17.24
CA PHE A 294 18.75 -6.43 17.29
C PHE A 294 19.51 -7.63 17.88
N MET A 295 20.83 -7.48 18.07
CA MET A 295 21.65 -8.58 18.62
C MET A 295 21.19 -8.93 20.03
N LEU A 296 21.13 -10.22 20.34
CA LEU A 296 20.68 -10.66 21.67
C LEU A 296 21.85 -10.99 22.61
N SER A 297 23.07 -11.03 22.07
CA SER A 297 24.27 -11.30 22.83
C SER A 297 25.43 -10.60 22.13
N GLN A 298 26.50 -10.37 22.89
CA GLN A 298 27.73 -9.76 22.38
C GLN A 298 28.81 -10.80 22.11
N ASP A 299 28.55 -12.05 22.45
CA ASP A 299 29.41 -13.15 22.11
C ASP A 299 29.84 -13.10 20.64
N VAL A 300 31.08 -13.52 20.39
CA VAL A 300 31.73 -13.40 19.06
C VAL A 300 31.01 -14.15 17.90
N GLU A 301 30.40 -15.30 18.18
CA GLU A 301 29.62 -16.01 17.16
C GLU A 301 28.41 -15.21 16.69
N HIS A 302 27.75 -14.52 17.59
CA HIS A 302 26.68 -13.57 17.23
C HIS A 302 27.21 -12.41 16.39
N GLU A 303 28.36 -11.84 16.80
CA GLU A 303 28.97 -10.72 16.05
C GLU A 303 29.30 -11.13 14.60
N ARG A 304 29.77 -12.37 14.43
CA ARG A 304 30.10 -12.91 13.14
C ARG A 304 28.88 -13.05 12.22
N LEU A 305 27.78 -13.55 12.77
CA LEU A 305 26.52 -13.65 12.00
C LEU A 305 26.13 -12.24 11.56
N PHE A 306 26.21 -11.28 12.48
CA PHE A 306 25.76 -9.92 12.17
C PHE A 306 26.62 -9.20 11.16
N ASP A 307 27.91 -9.53 11.12
CA ASP A 307 28.81 -8.97 10.11
C ASP A 307 28.41 -9.50 8.74
N LEU A 308 28.17 -10.81 8.65
CA LEU A 308 27.75 -11.40 7.38
C LEU A 308 26.38 -10.81 6.89
N ILE A 309 25.41 -10.68 7.81
CA ILE A 309 24.10 -10.09 7.51
C ILE A 309 24.23 -8.67 6.99
N GLN A 310 25.07 -7.89 7.64
CA GLN A 310 25.30 -6.50 7.20
C GLN A 310 25.84 -6.39 5.77
N LYS A 311 26.72 -7.30 5.40
CA LYS A 311 27.29 -7.31 4.06
C LYS A 311 26.28 -7.79 3.01
N MET A 312 25.44 -8.74 3.38
CA MET A 312 24.29 -9.14 2.51
C MET A 312 23.31 -7.97 2.31
N LEU A 313 23.14 -7.12 3.33
CA LEU A 313 22.23 -5.98 3.25
C LEU A 313 22.89 -4.66 2.86
N GLU A 314 23.96 -4.74 2.11
CA GLU A 314 24.52 -3.60 1.40
C GLU A 314 23.52 -3.09 0.31
N TYR A 315 23.23 -1.78 0.33
CA TYR A 315 22.30 -1.13 -0.60
C TYR A 315 22.68 -1.28 -2.07
N ASP A 316 23.93 -1.00 -2.40
CA ASP A 316 24.39 -0.99 -3.79
C ASP A 316 24.69 -2.43 -4.27
N PRO A 317 23.92 -2.96 -5.23
CA PRO A 317 24.18 -4.35 -5.63
C PRO A 317 25.58 -4.62 -6.18
N ALA A 318 26.24 -3.59 -6.74
CA ALA A 318 27.61 -3.75 -7.25
C ALA A 318 28.66 -3.94 -6.13
N LYS A 319 28.36 -3.46 -4.91
CA LYS A 319 29.21 -3.65 -3.73
C LYS A 319 28.82 -4.82 -2.82
N ARG A 320 27.64 -5.40 -3.04
CA ARG A 320 27.12 -6.41 -2.13
C ARG A 320 28.01 -7.64 -2.23
N ILE A 321 28.22 -8.31 -1.10
CA ILE A 321 28.95 -9.58 -1.05
C ILE A 321 28.27 -10.60 -1.96
N THR A 322 29.06 -11.40 -2.67
CA THR A 322 28.53 -12.50 -3.45
C THR A 322 28.46 -13.77 -2.59
N LEU A 323 27.78 -14.80 -3.07
CA LEU A 323 27.63 -16.02 -2.30
C LEU A 323 28.92 -16.83 -2.24
N ARG A 324 29.70 -16.80 -3.32
CA ARG A 324 31.08 -17.35 -3.31
C ARG A 324 31.97 -16.82 -2.14
N GLU A 325 31.96 -15.50 -1.94
CA GLU A 325 32.61 -14.86 -0.80
C GLU A 325 31.96 -15.25 0.54
N ALA A 326 30.62 -15.20 0.60
CA ALA A 326 29.92 -15.53 1.85
C ALA A 326 30.21 -16.93 2.37
N LEU A 327 30.46 -17.89 1.48
CA LEU A 327 30.81 -19.27 1.90
C LEU A 327 32.19 -19.36 2.62
N LYS A 328 33.06 -18.36 2.41
CA LYS A 328 34.35 -18.26 3.11
C LYS A 328 34.32 -17.36 4.37
N HIS A 329 33.15 -16.80 4.74
CA HIS A 329 33.04 -15.92 5.90
C HIS A 329 33.33 -16.68 7.22
N PRO A 330 33.94 -16.00 8.23
CA PRO A 330 34.33 -16.66 9.52
C PRO A 330 33.19 -17.30 10.31
N PHE A 331 31.97 -16.82 10.11
CA PHE A 331 30.76 -17.42 10.70
C PHE A 331 30.66 -18.92 10.41
N PHE A 332 31.18 -19.34 9.26
CA PHE A 332 31.21 -20.73 8.86
C PHE A 332 32.45 -21.56 9.23
N ASP A 333 33.49 -20.94 9.82
CA ASP A 333 34.73 -21.66 10.28
C ASP A 333 34.44 -22.88 11.15
N LEU A 334 33.49 -22.74 12.05
CA LEU A 334 33.11 -23.82 12.94
C LEU A 334 32.55 -25.10 12.26
N LEU A 335 32.14 -25.00 11.00
CA LEU A 335 31.72 -26.19 10.23
C LEU A 335 32.84 -26.94 9.53
N LYS A 336 34.05 -26.42 9.55
CA LYS A 336 35.14 -27.03 8.81
C LYS A 336 36.19 -27.69 9.78
N LYS A 337 35.70 -28.32 10.85
CA LYS A 337 36.58 -28.80 11.97
C LYS A 337 37.32 -30.14 11.68
N SER B 1 13.58 9.88 35.72
CA SER B 1 13.63 11.33 36.11
C SER B 1 12.28 11.93 36.64
N MET B 2 11.11 11.41 36.21
CA MET B 2 9.80 12.04 36.59
C MET B 2 9.47 12.26 38.08
N HIS B 3 9.81 11.30 38.96
CA HIS B 3 9.69 11.43 40.43
CA HIS B 3 9.66 11.42 40.42
C HIS B 3 10.31 12.71 41.01
N LEU B 4 11.38 13.19 40.37
CA LEU B 4 12.11 14.40 40.82
C LEU B 4 11.39 15.74 40.57
N ILE B 5 10.36 15.72 39.71
CA ILE B 5 9.60 16.94 39.31
C ILE B 5 8.05 16.89 39.45
N CYS B 6 7.48 15.84 40.06
CA CYS B 6 6.02 15.73 40.14
C CYS B 6 5.47 15.62 41.56
N GLN B 7 6.22 16.15 42.54
CA GLN B 7 5.86 16.06 43.99
C GLN B 7 4.93 17.16 44.47
N SER B 8 4.09 16.87 45.49
CA SER B 8 3.27 17.89 46.17
C SER B 8 4.12 19.09 46.48
N GLY B 9 3.66 20.26 46.09
CA GLY B 9 4.37 21.51 46.40
C GLY B 9 5.22 22.06 45.26
N ASP B 10 5.68 21.21 44.33
CA ASP B 10 6.49 21.69 43.21
C ASP B 10 5.64 22.65 42.38
N VAL B 11 6.30 23.62 41.78
CA VAL B 11 5.65 24.64 40.97
C VAL B 11 6.11 24.49 39.52
N LEU B 12 5.15 24.26 38.62
CA LEU B 12 5.42 24.10 37.18
C LEU B 12 5.17 25.40 36.44
N SER B 13 6.07 25.74 35.52
CA SER B 13 5.92 26.92 34.64
C SER B 13 5.58 28.23 35.35
N ALA B 14 6.10 28.38 36.58
CA ALA B 14 5.88 29.58 37.41
C ALA B 14 4.40 29.91 37.71
N ARG B 15 3.53 28.90 37.74
CA ARG B 15 2.13 29.14 38.11
C ARG B 15 1.32 27.97 38.67
N TYR B 16 1.61 26.74 38.25
CA TYR B 16 0.82 25.57 38.69
C TYR B 16 1.49 24.89 39.85
N GLU B 17 0.84 24.91 41.00
CA GLU B 17 1.33 24.22 42.19
C GLU B 17 0.69 22.83 42.35
N ILE B 18 1.53 21.79 42.32
CA ILE B 18 1.05 20.41 42.44
C ILE B 18 0.43 20.20 43.83
N VAL B 19 -0.79 19.69 43.84
CA VAL B 19 -1.52 19.22 45.04
C VAL B 19 -1.24 17.74 45.27
N ASP B 20 -1.48 16.91 44.25
CA ASP B 20 -1.44 15.45 44.39
C ASP B 20 -1.51 14.73 43.04
N THR B 21 -1.16 13.45 43.01
CA THR B 21 -1.26 12.64 41.80
C THR B 21 -2.65 12.04 41.66
N LEU B 22 -3.27 12.23 40.50
CA LEU B 22 -4.60 11.65 40.22
C LEU B 22 -4.52 10.22 39.68
N GLY B 23 -3.62 10.01 38.73
CA GLY B 23 -3.35 8.65 38.26
C GLY B 23 -2.12 8.55 37.40
N GLU B 24 -1.68 7.31 37.14
CA GLU B 24 -0.52 7.03 36.31
C GLU B 24 -0.91 6.07 35.22
N GLY B 25 -0.05 6.01 34.20
CA GLY B 25 -0.21 5.11 33.06
C GLY B 25 1.14 4.91 32.40
N ALA B 26 1.13 4.22 31.26
CA ALA B 26 2.33 4.01 30.44
C ALA B 26 2.91 5.32 29.90
N PHE B 27 2.02 6.26 29.55
CA PHE B 27 2.41 7.59 29.07
C PHE B 27 3.11 8.51 30.12
N GLY B 28 2.90 8.28 31.42
CA GLY B 28 3.26 9.25 32.47
C GLY B 28 2.22 9.35 33.57
N LYS B 29 1.94 10.57 34.01
CA LYS B 29 1.25 10.88 35.28
C LYS B 29 0.23 11.97 34.92
N VAL B 30 -0.90 12.02 35.61
CA VAL B 30 -1.76 13.21 35.62
C VAL B 30 -1.78 13.72 37.07
N VAL B 31 -1.50 15.00 37.30
CA VAL B 31 -1.55 15.58 38.65
C VAL B 31 -2.63 16.68 38.74
N GLU B 32 -3.24 16.83 39.90
CA GLU B 32 -4.05 18.00 40.19
C GLU B 32 -3.16 19.18 40.67
N CYS B 33 -3.43 20.37 40.14
CA CYS B 33 -2.68 21.58 40.48
C CYS B 33 -3.61 22.75 40.76
N ILE B 34 -3.11 23.65 41.61
CA ILE B 34 -3.66 25.00 41.79
C ILE B 34 -3.04 25.96 40.77
N ASP B 35 -3.89 26.63 40.01
CA ASP B 35 -3.43 27.62 39.05
C ASP B 35 -3.41 28.98 39.71
N HIS B 36 -2.22 29.42 40.12
CA HIS B 36 -2.07 30.71 40.81
C HIS B 36 -2.31 31.95 39.96
N LYS B 37 -2.34 31.81 38.64
CA LYS B 37 -2.61 32.94 37.74
C LYS B 37 -4.09 33.01 37.26
N ALA B 38 -4.92 32.01 37.56
CA ALA B 38 -6.38 32.09 37.28
C ALA B 38 -7.19 32.00 38.59
N GLY B 39 -6.74 32.73 39.61
CA GLY B 39 -7.47 32.87 40.87
C GLY B 39 -7.49 31.67 41.81
N GLY B 40 -6.59 30.71 41.61
CA GLY B 40 -6.56 29.50 42.44
C GLY B 40 -7.39 28.34 41.90
N ARG B 41 -7.97 28.51 40.71
CA ARG B 41 -8.72 27.44 40.02
C ARG B 41 -7.89 26.14 39.95
N HIS B 42 -8.51 25.00 40.29
CA HIS B 42 -7.85 23.71 40.19
C HIS B 42 -7.90 23.18 38.77
N VAL B 43 -6.82 22.55 38.33
CA VAL B 43 -6.70 22.03 36.98
C VAL B 43 -5.98 20.71 37.03
N ALA B 44 -5.96 20.02 35.89
CA ALA B 44 -5.27 18.74 35.75
C ALA B 44 -4.11 18.95 34.79
N VAL B 45 -2.93 18.46 35.16
CA VAL B 45 -1.78 18.57 34.29
C VAL B 45 -1.26 17.18 33.99
N LYS B 46 -1.26 16.83 32.71
CA LYS B 46 -0.65 15.58 32.24
C LYS B 46 0.85 15.80 31.98
N ILE B 47 1.69 15.09 32.75
CA ILE B 47 3.14 15.15 32.63
C ILE B 47 3.56 13.90 31.85
N VAL B 48 4.14 14.11 30.68
CA VAL B 48 4.45 13.02 29.74
C VAL B 48 5.89 12.55 29.93
N LYS B 49 6.06 11.23 29.89
CA LYS B 49 7.41 10.62 30.00
C LYS B 49 8.36 11.15 28.95
N ASN B 50 9.60 11.37 29.35
CA ASN B 50 10.65 11.81 28.44
C ASN B 50 11.20 10.59 27.71
N VAL B 51 10.39 10.10 26.79
CA VAL B 51 10.66 8.92 25.98
C VAL B 51 10.08 9.25 24.60
N ASP B 52 10.82 8.91 23.54
CA ASP B 52 10.50 9.37 22.17
C ASP B 52 9.06 9.04 21.68
N ARG B 53 8.61 7.81 21.85
CA ARG B 53 7.25 7.43 21.47
C ARG B 53 6.14 8.32 22.10
N TYR B 54 6.26 8.60 23.40
CA TYR B 54 5.26 9.39 24.12
C TYR B 54 5.36 10.91 23.89
N CYS B 55 6.56 11.42 23.65
CA CYS B 55 6.76 12.82 23.26
C CYS B 55 6.12 13.11 21.89
N GLU B 56 6.30 12.17 20.95
CA GLU B 56 5.73 12.29 19.61
C GLU B 56 4.19 12.25 19.62
N ALA B 57 3.64 11.32 20.40
CA ALA B 57 2.22 11.22 20.62
C ALA B 57 1.64 12.48 21.28
N ALA B 58 2.35 13.02 22.26
CA ALA B 58 1.92 14.26 22.92
C ALA B 58 1.87 15.43 21.93
N ARG B 59 2.87 15.56 21.04
CA ARG B 59 2.89 16.67 20.06
CA ARG B 59 2.89 16.66 20.07
C ARG B 59 1.72 16.52 19.07
N SER B 60 1.43 15.29 18.67
CA SER B 60 0.29 15.00 17.79
C SER B 60 -1.08 15.34 18.48
N GLU B 61 -1.21 14.94 19.75
CA GLU B 61 -2.41 15.27 20.57
C GLU B 61 -2.65 16.77 20.69
N ILE B 62 -1.59 17.53 20.93
CA ILE B 62 -1.68 18.98 20.99
C ILE B 62 -2.22 19.59 19.69
N GLN B 63 -1.78 19.10 18.54
CA GLN B 63 -2.36 19.59 17.26
C GLN B 63 -3.89 19.26 17.11
N VAL B 64 -4.25 18.01 17.37
CA VAL B 64 -5.64 17.57 17.25
C VAL B 64 -6.56 18.38 18.19
N LEU B 65 -6.17 18.54 19.46
CA LEU B 65 -7.01 19.29 20.42
C LEU B 65 -7.14 20.78 20.16
N GLU B 66 -6.12 21.41 19.61
CA GLU B 66 -6.21 22.80 19.16
C GLU B 66 -7.32 22.95 18.09
N HIS B 67 -7.32 22.03 17.13
CA HIS B 67 -8.33 21.99 16.09
C HIS B 67 -9.71 21.76 16.73
N LEU B 68 -9.85 20.73 17.56
CA LEU B 68 -11.19 20.38 18.11
C LEU B 68 -11.74 21.42 19.09
N ASN B 69 -10.88 21.95 19.96
CA ASN B 69 -11.34 22.95 20.94
C ASN B 69 -11.76 24.26 20.25
N THR B 70 -11.11 24.63 19.15
CA THR B 70 -11.53 25.84 18.42
C THR B 70 -12.84 25.61 17.60
N THR B 71 -12.98 24.43 16.98
CA THR B 71 -14.20 24.07 16.27
C THR B 71 -15.44 23.96 17.20
N ASP B 72 -15.24 23.48 18.42
CA ASP B 72 -16.28 23.30 19.45
C ASP B 72 -15.81 23.94 20.78
N PRO B 73 -15.80 25.30 20.87
CA PRO B 73 -15.26 25.99 22.05
C PRO B 73 -15.99 25.75 23.39
N ASN B 74 -17.28 25.43 23.37
CA ASN B 74 -18.02 25.14 24.62
C ASN B 74 -18.05 23.66 25.04
N SER B 75 -17.32 22.79 24.33
CA SER B 75 -17.33 21.35 24.60
C SER B 75 -18.76 20.73 24.53
N THR B 76 -19.56 21.23 23.58
CA THR B 76 -20.88 20.67 23.28
C THR B 76 -20.77 19.17 22.98
N PHE B 77 -19.70 18.78 22.30
CA PHE B 77 -19.48 17.38 21.92
C PHE B 77 -18.52 16.58 22.87
N ARG B 78 -18.21 17.15 24.02
CA ARG B 78 -17.62 16.41 25.13
C ARG B 78 -16.20 15.83 24.91
N CYS B 79 -15.41 16.50 24.05
CA CYS B 79 -13.98 16.31 24.04
C CYS B 79 -13.42 17.15 25.16
N VAL B 80 -12.49 16.58 25.92
CA VAL B 80 -11.79 17.33 26.98
C VAL B 80 -11.19 18.66 26.46
N GLN B 81 -11.32 19.72 27.25
CA GLN B 81 -10.74 21.03 26.93
C GLN B 81 -9.26 21.10 27.38
N MET B 82 -8.38 21.31 26.40
CA MET B 82 -6.99 21.66 26.67
C MET B 82 -6.88 23.17 26.91
N LEU B 83 -6.24 23.56 28.01
CA LEU B 83 -6.10 24.98 28.38
C LEU B 83 -4.76 25.61 27.93
N GLU B 84 -3.66 24.87 28.04
CA GLU B 84 -2.39 25.23 27.38
C GLU B 84 -1.39 24.08 27.48
N TRP B 85 -0.22 24.25 26.91
CA TRP B 85 0.88 23.31 27.11
C TRP B 85 2.22 24.03 27.31
N PHE B 86 3.21 23.31 27.86
CA PHE B 86 4.55 23.85 28.10
C PHE B 86 5.54 22.72 28.35
N GLU B 87 6.83 23.05 28.44
CA GLU B 87 7.91 22.08 28.70
C GLU B 87 8.51 22.38 30.11
N HIS B 88 8.83 21.33 30.86
CA HIS B 88 9.29 21.45 32.22
C HIS B 88 10.35 20.37 32.45
N HIS B 89 11.60 20.81 32.61
CA HIS B 89 12.75 19.92 32.75
C HIS B 89 12.76 18.77 31.75
N GLY B 90 12.60 19.08 30.46
CA GLY B 90 12.57 18.05 29.40
C GLY B 90 11.29 17.23 29.23
N HIS B 91 10.22 17.54 29.99
CA HIS B 91 8.96 16.77 29.91
C HIS B 91 7.89 17.66 29.32
N ILE B 92 7.15 17.14 28.34
CA ILE B 92 5.95 17.84 27.82
C ILE B 92 4.83 17.77 28.83
N CYS B 93 4.17 18.89 29.10
CA CYS B 93 3.10 18.97 30.11
C CYS B 93 1.90 19.61 29.44
N ILE B 94 0.73 18.98 29.55
CA ILE B 94 -0.48 19.50 28.91
C ILE B 94 -1.52 19.76 30.01
N VAL B 95 -2.08 20.97 30.03
CA VAL B 95 -2.99 21.42 31.07
C VAL B 95 -4.42 21.23 30.55
N PHE B 96 -5.29 20.63 31.37
CA PHE B 96 -6.68 20.37 31.00
C PHE B 96 -7.60 20.86 32.11
N GLU B 97 -8.87 21.06 31.76
CA GLU B 97 -9.94 21.17 32.74
C GLU B 97 -9.88 19.96 33.69
N LEU B 98 -10.20 20.15 34.95
CA LEU B 98 -10.16 19.08 35.94
C LEU B 98 -11.42 18.19 35.93
N LEU B 99 -11.24 16.89 35.67
CA LEU B 99 -12.30 15.89 35.62
C LEU B 99 -12.18 14.94 36.82
N GLY B 100 -13.08 13.95 36.89
CA GLY B 100 -12.99 12.85 37.86
C GLY B 100 -12.33 11.61 37.28
N LEU B 101 -12.45 10.50 38.01
CA LEU B 101 -11.86 9.19 37.62
C LEU B 101 -12.34 8.71 36.23
N SER B 102 -11.51 7.87 35.60
CA SER B 102 -11.92 7.15 34.43
C SER B 102 -13.04 6.13 34.78
N THR B 103 -13.79 5.76 33.76
CA THR B 103 -14.85 4.74 33.94
C THR B 103 -14.26 3.38 34.34
N TYR B 104 -13.06 3.06 33.83
CA TYR B 104 -12.31 1.86 34.21
C TYR B 104 -11.98 1.87 35.71
N ASP B 105 -11.40 2.97 36.19
CA ASP B 105 -11.03 3.12 37.59
C ASP B 105 -12.22 3.00 38.52
N PHE B 106 -13.37 3.54 38.14
CA PHE B 106 -14.55 3.45 38.96
C PHE B 106 -15.00 1.98 39.12
N ILE B 107 -14.98 1.25 38.02
CA ILE B 107 -15.34 -0.19 38.01
C ILE B 107 -14.38 -1.00 38.89
N LYS B 108 -13.09 -0.72 38.75
CA LYS B 108 -12.04 -1.36 39.52
C LYS B 108 -12.18 -1.12 41.02
N GLU B 109 -12.37 0.15 41.39
CA GLU B 109 -12.56 0.52 42.79
C GLU B 109 -13.86 0.02 43.41
N ASN B 110 -14.83 -0.35 42.59
CA ASN B 110 -16.11 -0.87 43.06
C ASN B 110 -16.13 -2.41 42.97
N GLY B 111 -14.95 -3.05 42.91
CA GLY B 111 -14.86 -4.49 42.94
C GLY B 111 -15.24 -5.19 41.64
N PHE B 112 -15.01 -4.53 40.50
CA PHE B 112 -15.41 -5.03 39.19
C PHE B 112 -16.91 -5.37 39.10
N LEU B 113 -17.73 -4.40 39.48
CA LEU B 113 -19.18 -4.48 39.40
C LEU B 113 -19.64 -3.60 38.22
N PRO B 114 -20.72 -4.00 37.57
CA PRO B 114 -21.25 -3.19 36.46
C PRO B 114 -21.94 -1.88 36.86
N PHE B 115 -22.07 -0.97 35.90
CA PHE B 115 -22.95 0.18 36.01
C PHE B 115 -24.42 -0.22 35.83
N ARG B 116 -25.34 0.50 36.45
CA ARG B 116 -26.74 0.17 36.20
C ARG B 116 -27.22 0.80 34.87
N LEU B 117 -28.28 0.19 34.32
CA LEU B 117 -28.64 0.34 32.90
C LEU B 117 -29.03 1.75 32.47
N ASP B 118 -29.70 2.50 33.34
CA ASP B 118 -30.03 3.92 33.03
C ASP B 118 -28.78 4.79 32.95
N HIS B 119 -27.72 4.47 33.72
CA HIS B 119 -26.42 5.17 33.57
C HIS B 119 -25.69 4.76 32.30
N ILE B 120 -25.72 3.45 31.98
CA ILE B 120 -25.17 2.96 30.71
C ILE B 120 -25.81 3.66 29.50
N ARG B 121 -27.12 3.84 29.52
CA ARG B 121 -27.81 4.52 28.40
C ARG B 121 -27.32 5.97 28.17
N LYS B 122 -27.24 6.75 29.24
CA LYS B 122 -26.68 8.13 29.19
C LYS B 122 -25.22 8.16 28.77
N MET B 123 -24.39 7.30 29.35
CA MET B 123 -22.96 7.25 29.02
C MET B 123 -22.75 6.89 27.53
N ALA B 124 -23.48 5.87 27.07
CA ALA B 124 -23.40 5.39 25.69
C ALA B 124 -23.83 6.45 24.69
N TYR B 125 -24.88 7.19 25.03
CA TYR B 125 -25.34 8.25 24.19
C TYR B 125 -24.27 9.35 24.01
N GLN B 126 -23.68 9.77 25.14
CA GLN B 126 -22.63 10.81 25.15
C GLN B 126 -21.38 10.36 24.41
N ILE B 127 -20.98 9.11 24.61
CA ILE B 127 -19.80 8.56 23.90
C ILE B 127 -20.05 8.53 22.39
N CYS B 128 -21.21 8.02 21.97
CA CYS B 128 -21.55 7.97 20.53
C CYS B 128 -21.60 9.38 19.90
N LYS B 129 -22.15 10.34 20.64
CA LYS B 129 -22.26 11.72 20.19
C LYS B 129 -20.85 12.37 20.04
N SER B 130 -19.98 12.13 21.02
CA SER B 130 -18.63 12.71 21.02
C SER B 130 -17.75 12.18 19.88
N VAL B 131 -17.74 10.85 19.74
CA VAL B 131 -16.96 10.21 18.68
C VAL B 131 -17.55 10.44 17.26
N ASN B 132 -18.88 10.55 17.14
CA ASN B 132 -19.49 10.91 15.86
C ASN B 132 -19.04 12.28 15.40
N PHE B 133 -18.85 13.21 16.36
CA PHE B 133 -18.31 14.55 16.06
C PHE B 133 -16.88 14.45 15.53
N LEU B 134 -16.06 13.57 16.11
CA LEU B 134 -14.76 13.27 15.52
C LEU B 134 -14.91 12.74 14.07
N HIS B 135 -15.78 11.73 13.90
CA HIS B 135 -16.05 11.15 12.56
C HIS B 135 -16.58 12.15 11.51
N SER B 136 -17.35 13.16 11.95
CA SER B 136 -17.75 14.25 11.05
C SER B 136 -16.62 15.21 10.64
N ASN B 137 -15.49 15.24 11.38
CA ASN B 137 -14.33 16.09 11.04
C ASN B 137 -13.11 15.29 10.55
N LYS B 138 -13.37 14.18 9.88
CA LYS B 138 -12.34 13.37 9.20
C LYS B 138 -11.30 12.74 10.12
N LEU B 139 -11.70 12.44 11.35
CA LEU B 139 -10.84 11.81 12.36
C LEU B 139 -11.38 10.44 12.81
N THR B 140 -10.44 9.57 13.16
CA THR B 140 -10.70 8.31 13.86
C THR B 140 -9.80 8.32 15.10
N HIS B 141 -10.37 7.99 16.26
CA HIS B 141 -9.67 8.04 17.55
C HIS B 141 -8.63 6.91 17.63
N THR B 142 -9.07 5.71 17.30
CA THR B 142 -8.26 4.47 17.25
C THR B 142 -7.90 3.83 18.58
N ASP B 143 -8.11 4.51 19.70
CA ASP B 143 -7.75 3.99 21.00
C ASP B 143 -8.85 4.17 22.06
N LEU B 144 -10.12 3.89 21.69
CA LEU B 144 -11.20 4.01 22.65
C LEU B 144 -11.19 2.82 23.59
N LYS B 145 -11.35 3.12 24.87
CA LYS B 145 -11.40 2.11 25.93
C LYS B 145 -11.83 2.80 27.22
N PRO B 146 -12.25 2.03 28.25
CA PRO B 146 -12.83 2.69 29.43
C PRO B 146 -11.88 3.64 30.19
N GLU B 147 -10.58 3.36 30.12
CA GLU B 147 -9.55 4.25 30.69
C GLU B 147 -9.57 5.65 30.08
N ASN B 148 -9.99 5.75 28.82
CA ASN B 148 -10.06 7.01 28.07
C ASN B 148 -11.43 7.68 28.06
N ILE B 149 -12.38 7.15 28.83
CA ILE B 149 -13.67 7.84 29.10
C ILE B 149 -13.68 8.22 30.58
N LEU B 150 -13.88 9.51 30.88
CA LEU B 150 -13.74 10.02 32.24
C LEU B 150 -15.03 10.69 32.67
N PHE B 151 -15.43 10.46 33.93
CA PHE B 151 -16.58 11.16 34.51
C PHE B 151 -16.23 12.63 34.72
N VAL B 152 -17.18 13.52 34.41
CA VAL B 152 -17.05 14.93 34.75
C VAL B 152 -16.93 15.07 36.27
N GLN B 153 -17.73 14.33 37.01
CA GLN B 153 -17.64 14.20 38.48
C GLN B 153 -17.86 12.74 38.87
N SER B 154 -16.95 12.18 39.65
CA SER B 154 -16.96 10.75 39.98
C SER B 154 -17.42 10.47 41.42
N ASP B 155 -17.98 11.48 42.09
CA ASP B 155 -18.57 11.28 43.41
C ASP B 155 -19.73 10.24 43.41
N TYR B 156 -19.82 9.52 44.52
CA TYR B 156 -20.83 8.49 44.72
C TYR B 156 -21.48 8.57 46.10
N THR B 157 -22.68 8.00 46.25
CA THR B 157 -23.26 7.71 47.55
C THR B 157 -23.00 6.25 47.83
N GLU B 158 -22.90 5.95 49.12
CA GLU B 158 -22.58 4.61 49.60
C GLU B 158 -23.61 4.18 50.66
N ALA B 159 -24.21 3.00 50.47
CA ALA B 159 -25.26 2.49 51.37
C ALA B 159 -25.23 0.97 51.50
N TYR B 160 -25.72 0.48 52.64
CA TYR B 160 -25.88 -0.96 52.86
C TYR B 160 -27.07 -1.45 52.06
N ASN B 161 -26.84 -2.48 51.25
CA ASN B 161 -27.88 -3.08 50.43
C ASN B 161 -28.33 -4.37 51.15
N PRO B 162 -29.54 -4.37 51.77
CA PRO B 162 -30.00 -5.57 52.50
C PRO B 162 -30.19 -6.82 51.62
N LYS B 163 -30.56 -6.64 50.36
CA LYS B 163 -30.73 -7.76 49.41
C LYS B 163 -29.50 -8.68 49.23
N ILE B 164 -28.29 -8.11 49.34
CA ILE B 164 -27.04 -8.87 49.13
C ILE B 164 -26.13 -8.90 50.36
N LYS B 165 -26.62 -8.40 51.50
CA LYS B 165 -25.85 -8.30 52.74
C LYS B 165 -24.43 -7.68 52.55
N ARG B 166 -24.34 -6.59 51.77
CA ARG B 166 -23.04 -5.88 51.48
C ARG B 166 -23.21 -4.37 51.25
N ASP B 167 -22.15 -3.59 51.54
CA ASP B 167 -22.13 -2.15 51.16
C ASP B 167 -21.94 -1.95 49.63
N GLU B 168 -22.53 -0.88 49.08
CA GLU B 168 -22.59 -0.68 47.61
C GLU B 168 -22.56 0.79 47.21
N ARG B 169 -21.87 1.08 46.10
CA ARG B 169 -21.68 2.47 45.63
C ARG B 169 -22.57 2.78 44.46
N THR B 170 -23.06 4.03 44.43
CA THR B 170 -23.89 4.52 43.35
C THR B 170 -23.39 5.89 42.85
N LEU B 171 -22.89 5.96 41.61
CA LEU B 171 -22.62 7.25 40.94
C LEU B 171 -23.74 8.23 41.11
N ILE B 172 -23.43 9.48 41.39
CA ILE B 172 -24.43 10.55 41.45
C ILE B 172 -24.70 11.10 40.06
N ASN B 173 -23.67 11.36 39.29
CA ASN B 173 -23.83 11.99 37.97
C ASN B 173 -22.99 11.23 36.95
N PRO B 174 -23.65 10.63 35.94
CA PRO B 174 -22.94 9.82 34.97
C PRO B 174 -22.34 10.56 33.74
N ASP B 175 -22.41 11.88 33.68
CA ASP B 175 -21.84 12.62 32.53
C ASP B 175 -20.32 12.35 32.34
N ILE B 176 -19.89 12.24 31.07
CA ILE B 176 -18.52 11.88 30.71
C ILE B 176 -17.88 12.81 29.68
N LYS B 177 -16.55 12.67 29.53
CA LYS B 177 -15.80 13.24 28.39
C LYS B 177 -14.82 12.23 27.83
N VAL B 178 -14.43 12.43 26.57
CA VAL B 178 -13.44 11.57 25.90
C VAL B 178 -12.03 12.24 25.99
N VAL B 179 -10.99 11.46 26.29
CA VAL B 179 -9.60 11.96 26.35
C VAL B 179 -8.68 11.11 25.47
N ASP B 180 -7.42 11.52 25.44
CA ASP B 180 -6.32 10.87 24.74
C ASP B 180 -6.44 10.87 23.23
N PHE B 181 -5.98 11.98 22.63
CA PHE B 181 -6.01 12.17 21.16
C PHE B 181 -4.64 12.00 20.50
N GLY B 182 -3.77 11.22 21.14
CA GLY B 182 -2.41 10.99 20.67
C GLY B 182 -2.24 9.97 19.56
N SER B 183 -3.25 9.12 19.32
CA SER B 183 -3.25 8.16 18.16
C SER B 183 -4.22 8.54 17.07
N ALA B 184 -4.97 9.62 17.32
CA ALA B 184 -6.02 10.04 16.40
C ALA B 184 -5.46 10.39 15.02
N THR B 185 -6.13 9.93 13.97
CA THR B 185 -5.61 9.95 12.60
C THR B 185 -6.62 10.55 11.65
N TYR B 186 -6.19 11.51 10.83
CA TYR B 186 -7.04 12.11 9.77
C TYR B 186 -7.21 11.12 8.58
N ASP B 187 -8.37 11.19 7.92
CA ASP B 187 -8.62 10.44 6.67
C ASP B 187 -7.46 10.53 5.66
N ASP B 188 -6.91 11.73 5.50
CA ASP B 188 -5.91 11.98 4.48
C ASP B 188 -4.43 11.70 4.90
N GLU B 189 -4.15 11.17 6.11
CA GLU B 189 -2.72 10.79 6.48
C GLU B 189 -2.51 9.31 6.29
N HIS B 190 -1.23 8.90 6.28
CA HIS B 190 -0.87 7.48 6.19
C HIS B 190 -1.29 6.74 7.50
N HIS B 191 -2.01 5.63 7.35
CA HIS B 191 -2.55 4.80 8.48
C HIS B 191 -1.47 3.73 8.82
N SER B 192 -0.99 3.66 10.07
CA SER B 192 -0.20 2.49 10.52
C SER B 192 -1.02 1.18 10.50
N THR B 193 -0.32 0.07 10.31
CA THR B 193 -0.96 -1.25 10.29
C THR B 193 -1.45 -1.73 11.68
N LEU B 194 -0.68 -1.49 12.74
CA LEU B 194 -1.21 -1.70 14.09
C LEU B 194 -1.89 -0.46 14.73
N VAL B 195 -3.14 -0.62 15.21
CA VAL B 195 -3.81 0.38 16.11
C VAL B 195 -4.69 -0.29 17.21
N SER B 196 -5.04 0.52 18.24
CA SER B 196 -5.88 0.15 19.39
C SER B 196 -5.21 -0.74 20.43
N THR B 197 -5.62 -0.60 21.68
CA THR B 197 -5.28 -1.56 22.75
C THR B 197 -5.95 -2.88 22.43
N ARG B 198 -5.23 -3.99 22.60
CA ARG B 198 -5.59 -5.28 22.00
C ARG B 198 -7.00 -5.75 22.29
N HIS B 199 -7.55 -5.42 23.46
CA HIS B 199 -8.82 -5.95 23.83
C HIS B 199 -9.95 -5.20 23.07
N TYR B 200 -9.70 -3.99 22.52
CA TYR B 200 -10.75 -3.20 21.86
C TYR B 200 -10.45 -3.05 20.37
N ARG B 201 -9.68 -3.98 19.84
CA ARG B 201 -9.19 -3.93 18.49
C ARG B 201 -10.09 -4.70 17.51
N ALA B 202 -10.44 -4.01 16.41
CA ALA B 202 -11.39 -4.53 15.43
C ALA B 202 -10.76 -5.66 14.58
N PRO B 203 -11.61 -6.59 14.07
CA PRO B 203 -11.09 -7.70 13.28
C PRO B 203 -10.38 -7.26 11.99
N GLU B 204 -10.85 -6.20 11.34
CA GLU B 204 -10.15 -5.66 10.16
C GLU B 204 -8.70 -5.15 10.48
N VAL B 205 -8.48 -4.69 11.71
CA VAL B 205 -7.15 -4.28 12.19
C VAL B 205 -6.28 -5.53 12.40
N ILE B 206 -6.76 -6.47 13.20
CA ILE B 206 -6.04 -7.75 13.44
C ILE B 206 -5.65 -8.42 12.11
N LEU B 207 -6.55 -8.43 11.13
CA LEU B 207 -6.30 -9.11 9.84
C LEU B 207 -5.65 -8.21 8.75
N ALA B 208 -5.30 -6.96 9.13
CA ALA B 208 -4.56 -6.03 8.28
C ALA B 208 -5.26 -5.72 6.96
N LEU B 209 -6.58 -5.55 7.01
CA LEU B 209 -7.39 -5.29 5.82
C LEU B 209 -7.62 -3.80 5.59
N GLY B 210 -7.00 -2.93 6.40
CA GLY B 210 -7.24 -1.49 6.30
C GLY B 210 -8.34 -1.10 7.26
N TRP B 211 -8.34 0.15 7.71
CA TRP B 211 -9.29 0.57 8.71
C TRP B 211 -9.56 2.04 8.59
N SER B 212 -10.69 2.45 9.14
CA SER B 212 -11.00 3.87 9.29
C SER B 212 -12.05 4.01 10.40
N GLN B 213 -13.02 4.92 10.26
CA GLN B 213 -13.99 5.21 11.31
C GLN B 213 -14.72 3.99 11.92
N PRO B 214 -15.09 2.99 11.10
CA PRO B 214 -15.76 1.84 11.73
C PRO B 214 -14.97 1.11 12.83
N CYS B 215 -13.62 1.16 12.84
CA CYS B 215 -12.87 0.47 13.94
C CYS B 215 -13.21 1.07 15.33
N ASP B 216 -13.56 2.37 15.38
CA ASP B 216 -14.03 3.02 16.62
C ASP B 216 -15.39 2.46 17.06
N VAL B 217 -16.27 2.16 16.10
CA VAL B 217 -17.61 1.60 16.43
C VAL B 217 -17.44 0.22 17.09
N TRP B 218 -16.54 -0.60 16.54
CA TRP B 218 -16.21 -1.86 17.18
C TRP B 218 -15.75 -1.65 18.64
N SER B 219 -14.83 -0.71 18.86
CA SER B 219 -14.30 -0.44 20.21
C SER B 219 -15.42 -0.05 21.20
N ILE B 220 -16.36 0.77 20.73
CA ILE B 220 -17.49 1.23 21.56
C ILE B 220 -18.38 0.04 21.98
N GLY B 221 -18.57 -0.91 21.08
CA GLY B 221 -19.35 -2.10 21.40
C GLY B 221 -18.72 -2.91 22.53
N CYS B 222 -17.39 -3.07 22.46
CA CYS B 222 -16.62 -3.74 23.53
C CYS B 222 -16.75 -3.00 24.85
N ILE B 223 -16.72 -1.66 24.80
CA ILE B 223 -16.86 -0.83 26.05
C ILE B 223 -18.29 -1.04 26.69
N LEU B 224 -19.32 -1.02 25.86
CA LEU B 224 -20.73 -1.12 26.36
C LEU B 224 -21.04 -2.45 27.05
N ILE B 225 -20.49 -3.52 26.50
CA ILE B 225 -20.55 -4.83 27.16
C ILE B 225 -19.84 -4.85 28.51
N GLU B 226 -18.66 -4.22 28.57
CA GLU B 226 -17.91 -4.10 29.79
C GLU B 226 -18.67 -3.38 30.87
N TYR B 227 -19.29 -2.28 30.52
CA TYR B 227 -20.09 -1.50 31.46
C TYR B 227 -21.28 -2.34 32.01
N TYR B 228 -21.84 -3.18 31.15
CA TYR B 228 -23.00 -4.06 31.50
C TYR B 228 -22.59 -5.24 32.36
N LEU B 229 -21.40 -5.82 32.08
CA LEU B 229 -20.94 -6.99 32.84
C LEU B 229 -19.98 -6.70 34.02
N GLY B 230 -19.19 -5.62 33.92
CA GLY B 230 -18.12 -5.33 34.88
C GLY B 230 -16.77 -5.91 34.52
N PHE B 231 -16.66 -6.55 33.36
CA PHE B 231 -15.41 -7.15 32.96
C PHE B 231 -15.28 -7.19 31.45
N THR B 232 -14.03 -7.34 30.97
CA THR B 232 -13.71 -7.48 29.55
C THR B 232 -14.13 -8.83 28.96
N VAL B 233 -14.77 -8.85 27.78
CA VAL B 233 -15.16 -10.13 27.15
C VAL B 233 -14.03 -10.78 26.36
N PHE B 234 -12.95 -10.03 26.15
CA PHE B 234 -11.78 -10.51 25.40
C PHE B 234 -10.51 -10.43 26.25
N PRO B 235 -10.44 -11.22 27.35
CA PRO B 235 -9.27 -11.15 28.25
C PRO B 235 -8.11 -11.97 27.68
N THR B 236 -7.37 -11.39 26.76
CA THR B 236 -6.29 -12.13 26.10
C THR B 236 -5.20 -11.19 25.61
N HIS B 237 -4.00 -11.75 25.43
CA HIS B 237 -2.86 -11.05 24.87
C HIS B 237 -2.31 -11.72 23.58
N ASP B 238 -3.05 -12.65 23.01
CA ASP B 238 -2.64 -13.37 21.82
C ASP B 238 -3.70 -13.17 20.71
N SER B 239 -3.27 -12.75 19.51
CA SER B 239 -4.18 -12.45 18.39
C SER B 239 -5.06 -13.63 17.96
N LYS B 240 -4.46 -14.82 17.87
CA LYS B 240 -5.16 -16.03 17.44
C LYS B 240 -6.23 -16.41 18.43
N GLU B 241 -5.88 -16.39 19.71
CA GLU B 241 -6.84 -16.63 20.79
C GLU B 241 -7.99 -15.61 20.79
N HIS B 242 -7.67 -14.35 20.51
CA HIS B 242 -8.64 -13.28 20.40
C HIS B 242 -9.68 -13.59 19.29
N LEU B 243 -9.20 -14.05 18.13
CA LEU B 243 -10.08 -14.44 17.04
C LEU B 243 -10.96 -15.67 17.41
N ALA B 244 -10.38 -16.61 18.15
CA ALA B 244 -11.14 -17.75 18.70
C ALA B 244 -12.23 -17.29 19.68
N MET B 245 -11.91 -16.31 20.52
CA MET B 245 -12.93 -15.73 21.40
C MET B 245 -14.07 -15.06 20.63
N MET B 246 -13.74 -14.34 19.56
CA MET B 246 -14.74 -13.71 18.69
C MET B 246 -15.69 -14.76 18.07
N GLU B 247 -15.14 -15.87 17.59
CA GLU B 247 -15.95 -16.89 16.97
C GLU B 247 -16.95 -17.48 17.93
N ARG B 248 -16.54 -17.65 19.20
CA ARG B 248 -17.39 -18.23 20.21
C ARG B 248 -18.51 -17.28 20.59
N ILE B 249 -18.24 -15.99 20.61
CA ILE B 249 -19.25 -14.99 21.00
C ILE B 249 -20.16 -14.54 19.84
N LEU B 250 -19.62 -14.47 18.64
CA LEU B 250 -20.31 -13.87 17.51
C LEU B 250 -20.50 -14.77 16.33
N GLY B 251 -19.99 -16.00 16.40
CA GLY B 251 -20.02 -16.92 15.25
C GLY B 251 -18.81 -16.76 14.31
N PRO B 252 -18.75 -17.60 13.27
CA PRO B 252 -17.56 -17.61 12.41
C PRO B 252 -17.36 -16.36 11.58
N LEU B 253 -16.10 -16.08 11.27
CA LEU B 253 -15.73 -14.91 10.49
C LEU B 253 -16.24 -15.05 9.04
N PRO B 254 -16.61 -13.93 8.39
CA PRO B 254 -16.98 -13.99 6.97
C PRO B 254 -15.87 -14.58 6.09
N LYS B 255 -16.24 -15.46 5.17
CA LYS B 255 -15.28 -16.06 4.21
C LYS B 255 -14.48 -15.03 3.43
N HIS B 256 -15.12 -13.98 2.93
CA HIS B 256 -14.40 -13.01 2.09
C HIS B 256 -13.28 -12.27 2.84
N MET B 257 -13.45 -12.05 4.14
CA MET B 257 -12.38 -11.45 4.97
C MET B 257 -11.23 -12.43 5.19
N ILE B 258 -11.55 -13.70 5.43
CA ILE B 258 -10.53 -14.75 5.54
C ILE B 258 -9.70 -14.90 4.24
N GLN B 259 -10.38 -14.76 3.10
CA GLN B 259 -9.73 -14.85 1.79
C GLN B 259 -8.84 -13.64 1.45
N LYS B 260 -9.23 -12.43 1.85
CA LYS B 260 -8.43 -11.22 1.57
C LYS B 260 -7.19 -11.04 2.47
N THR B 261 -7.20 -11.53 3.70
CA THR B 261 -6.08 -11.24 4.63
C THR B 261 -4.77 -11.87 4.15
N ARG B 262 -3.68 -11.12 4.28
CA ARG B 262 -2.35 -11.65 4.04
C ARG B 262 -1.79 -12.34 5.28
N LYS B 263 -2.49 -12.24 6.42
CA LYS B 263 -2.10 -12.93 7.66
C LYS B 263 -2.49 -14.42 7.62
N ARG B 264 -1.80 -15.19 6.76
CA ARG B 264 -2.17 -16.59 6.54
C ARG B 264 -1.91 -17.53 7.73
N LYS B 265 -1.00 -17.15 8.64
CA LYS B 265 -0.70 -17.94 9.83
C LYS B 265 -1.92 -18.40 10.64
N TYR B 266 -2.96 -17.58 10.68
CA TYR B 266 -4.16 -17.84 11.49
C TYR B 266 -5.10 -18.93 10.96
N PHE B 267 -4.93 -19.37 9.71
CA PHE B 267 -5.97 -20.17 9.02
C PHE B 267 -5.45 -21.44 8.36
N HIS B 268 -6.24 -22.51 8.40
CA HIS B 268 -6.03 -23.73 7.61
C HIS B 268 -7.28 -24.00 6.78
N HIS B 269 -7.09 -24.33 5.51
CA HIS B 269 -8.11 -24.18 4.47
C HIS B 269 -8.69 -22.75 4.59
N ASP B 270 -9.94 -22.58 5.00
CA ASP B 270 -10.47 -21.22 5.24
C ASP B 270 -11.25 -21.17 6.56
N ARG B 271 -10.62 -21.76 7.58
CA ARG B 271 -11.14 -21.87 8.94
C ARG B 271 -10.05 -21.39 9.85
N LEU B 272 -10.42 -20.86 11.00
CA LEU B 272 -9.43 -20.52 12.03
C LEU B 272 -8.71 -21.78 12.52
N ASP B 273 -7.37 -21.77 12.47
CA ASP B 273 -6.54 -22.91 12.87
C ASP B 273 -6.40 -22.97 14.38
N TRP B 274 -7.44 -23.47 15.04
CA TRP B 274 -7.60 -23.42 16.49
C TRP B 274 -8.02 -24.79 17.06
N ASP B 275 -7.17 -25.38 17.90
CA ASP B 275 -7.49 -26.64 18.59
C ASP B 275 -8.39 -26.38 19.80
N GLU B 276 -9.68 -26.72 19.65
CA GLU B 276 -10.66 -26.53 20.74
C GLU B 276 -10.38 -27.31 22.04
N HIS B 277 -9.69 -28.44 21.92
CA HIS B 277 -9.40 -29.33 23.07
C HIS B 277 -7.99 -29.18 23.67
N SER B 278 -7.28 -28.09 23.36
CA SER B 278 -6.00 -27.80 24.02
C SER B 278 -6.26 -27.14 25.37
N SER B 279 -5.19 -26.91 26.12
CA SER B 279 -5.25 -26.09 27.34
C SER B 279 -5.99 -24.77 27.07
N ALA B 280 -5.42 -23.96 26.16
CA ALA B 280 -5.97 -22.65 25.79
C ALA B 280 -7.39 -22.72 25.23
N GLY B 281 -7.67 -23.76 24.43
CA GLY B 281 -8.97 -23.95 23.81
C GLY B 281 -10.09 -24.15 24.81
N ARG B 282 -9.86 -25.00 25.80
CA ARG B 282 -10.83 -25.24 26.89
C ARG B 282 -11.10 -23.96 27.72
N TYR B 283 -10.09 -23.10 27.87
CA TYR B 283 -10.23 -21.79 28.55
C TYR B 283 -11.14 -20.84 27.75
N VAL B 284 -10.98 -20.82 26.44
CA VAL B 284 -11.88 -20.05 25.56
C VAL B 284 -13.34 -20.52 25.65
N SER B 285 -13.56 -21.84 25.61
CA SER B 285 -14.92 -22.41 25.72
C SER B 285 -15.62 -22.04 27.04
N ARG B 286 -14.84 -21.97 28.11
CA ARG B 286 -15.32 -21.70 29.47
C ARG B 286 -15.61 -20.24 29.77
N ALA B 287 -14.77 -19.37 29.22
CA ALA B 287 -14.86 -17.93 29.46
C ALA B 287 -15.77 -17.20 28.47
N CYS B 288 -15.97 -17.79 27.29
CA CYS B 288 -16.81 -17.18 26.27
C CYS B 288 -18.02 -18.05 25.85
N LYS B 289 -19.10 -17.37 25.47
CA LYS B 289 -20.34 -18.04 25.00
C LYS B 289 -21.03 -17.07 24.07
N PRO B 290 -22.03 -17.55 23.27
CA PRO B 290 -22.74 -16.62 22.36
C PRO B 290 -23.27 -15.35 23.04
N LEU B 291 -23.19 -14.22 22.34
CA LEU B 291 -23.40 -12.89 22.90
C LEU B 291 -24.63 -12.76 23.77
N LYS B 292 -25.78 -13.23 23.26
CA LYS B 292 -27.05 -13.04 23.98
C LYS B 292 -27.16 -13.85 25.28
N GLU B 293 -26.41 -14.93 25.42
CA GLU B 293 -26.32 -15.62 26.71
C GLU B 293 -25.69 -14.79 27.86
N PHE B 294 -24.99 -13.69 27.55
CA PHE B 294 -24.50 -12.76 28.61
C PHE B 294 -25.58 -11.86 29.21
N MET B 295 -26.76 -11.80 28.60
CA MET B 295 -27.87 -10.97 29.11
C MET B 295 -28.28 -11.43 30.52
N LEU B 296 -28.52 -10.48 31.41
CA LEU B 296 -28.88 -10.78 32.81
C LEU B 296 -30.39 -10.69 33.06
N SER B 297 -31.13 -10.20 32.08
CA SER B 297 -32.60 -10.11 32.13
C SER B 297 -33.12 -10.19 30.71
N GLN B 298 -34.39 -10.56 30.59
CA GLN B 298 -35.10 -10.64 29.31
C GLN B 298 -36.00 -9.41 29.06
N ASP B 299 -36.08 -8.53 30.04
CA ASP B 299 -36.72 -7.24 29.89
C ASP B 299 -36.27 -6.50 28.59
N VAL B 300 -37.21 -5.79 27.98
CA VAL B 300 -37.04 -5.20 26.66
C VAL B 300 -35.91 -4.14 26.56
N GLU B 301 -35.66 -3.38 27.64
CA GLU B 301 -34.54 -2.44 27.66
C GLU B 301 -33.19 -3.15 27.56
N HIS B 302 -33.05 -4.31 28.19
CA HIS B 302 -31.86 -5.14 28.02
C HIS B 302 -31.73 -5.67 26.59
N GLU B 303 -32.83 -6.14 26.01
CA GLU B 303 -32.82 -6.63 24.63
C GLU B 303 -32.32 -5.55 23.66
N ARG B 304 -32.77 -4.32 23.91
CA ARG B 304 -32.46 -3.18 23.06
C ARG B 304 -30.96 -2.83 23.09
N LEU B 305 -30.36 -2.84 24.29
CA LEU B 305 -28.93 -2.66 24.42
C LEU B 305 -28.22 -3.72 23.61
N PHE B 306 -28.66 -4.97 23.77
CA PHE B 306 -27.95 -6.08 23.14
C PHE B 306 -28.09 -6.11 21.60
N ASP B 307 -29.21 -5.61 21.09
CA ASP B 307 -29.35 -5.42 19.65
C ASP B 307 -28.31 -4.37 19.13
N LEU B 308 -28.19 -3.25 19.83
CA LEU B 308 -27.23 -2.21 19.44
C LEU B 308 -25.79 -2.73 19.50
N ILE B 309 -25.46 -3.45 20.58
CA ILE B 309 -24.12 -4.03 20.74
C ILE B 309 -23.80 -5.00 19.57
N GLN B 310 -24.77 -5.85 19.22
CA GLN B 310 -24.60 -6.81 18.13
C GLN B 310 -24.31 -6.15 16.79
N LYS B 311 -24.96 -5.04 16.53
CA LYS B 311 -24.69 -4.27 15.31
C LYS B 311 -23.31 -3.54 15.33
N MET B 312 -22.90 -3.05 16.49
CA MET B 312 -21.53 -2.50 16.66
C MET B 312 -20.47 -3.59 16.46
N LEU B 313 -20.79 -4.84 16.85
CA LEU B 313 -19.85 -5.94 16.69
C LEU B 313 -20.05 -6.78 15.41
N GLU B 314 -20.57 -6.15 14.36
CA GLU B 314 -20.57 -6.72 13.02
C GLU B 314 -19.10 -6.83 12.53
N TYR B 315 -18.72 -8.02 12.08
CA TYR B 315 -17.38 -8.32 11.55
C TYR B 315 -16.96 -7.46 10.36
N ASP B 316 -17.82 -7.32 9.36
CA ASP B 316 -17.48 -6.57 8.14
C ASP B 316 -17.62 -5.05 8.37
N PRO B 317 -16.50 -4.29 8.31
CA PRO B 317 -16.66 -2.85 8.58
C PRO B 317 -17.60 -2.12 7.61
N ALA B 318 -17.75 -2.62 6.38
CA ALA B 318 -18.64 -1.98 5.40
C ALA B 318 -20.14 -2.13 5.78
N LYS B 319 -20.47 -3.16 6.56
CA LYS B 319 -21.84 -3.39 7.06
C LYS B 319 -22.09 -2.89 8.47
N ARG B 320 -21.02 -2.53 9.20
CA ARG B 320 -21.16 -2.16 10.61
C ARG B 320 -21.96 -0.89 10.71
N ILE B 321 -22.83 -0.82 11.71
CA ILE B 321 -23.63 0.39 11.99
C ILE B 321 -22.70 1.58 12.18
N THR B 322 -23.10 2.74 11.67
CA THR B 322 -22.35 3.97 11.90
C THR B 322 -22.90 4.64 13.16
N LEU B 323 -22.17 5.64 13.67
CA LEU B 323 -22.58 6.31 14.91
C LEU B 323 -23.80 7.21 14.69
N ARG B 324 -23.92 7.80 13.51
CA ARG B 324 -25.17 8.51 13.09
C ARG B 324 -26.44 7.64 13.22
N GLU B 325 -26.40 6.42 12.70
CA GLU B 325 -27.48 5.44 12.84
C GLU B 325 -27.68 5.01 14.33
N ALA B 326 -26.56 4.73 15.05
CA ALA B 326 -26.65 4.31 16.45
C ALA B 326 -27.32 5.34 17.35
N LEU B 327 -27.18 6.63 17.04
CA LEU B 327 -27.87 7.67 17.84
C LEU B 327 -29.43 7.67 17.68
N LYS B 328 -29.93 7.07 16.60
CA LYS B 328 -31.39 6.85 16.40
C LYS B 328 -31.93 5.48 16.90
N HIS B 329 -31.07 4.64 17.48
CA HIS B 329 -31.47 3.30 17.93
C HIS B 329 -32.49 3.41 19.08
N PRO B 330 -33.47 2.46 19.15
CA PRO B 330 -34.54 2.48 20.17
C PRO B 330 -34.08 2.45 21.66
N PHE B 331 -32.88 1.91 21.91
CA PHE B 331 -32.25 1.95 23.22
C PHE B 331 -32.21 3.36 23.79
N PHE B 332 -32.09 4.35 22.91
CA PHE B 332 -32.04 5.76 23.33
C PHE B 332 -33.37 6.52 23.39
N ASP B 333 -34.49 5.88 22.98
CA ASP B 333 -35.84 6.51 23.01
C ASP B 333 -36.18 7.11 24.37
N LEU B 334 -35.86 6.40 25.42
CA LEU B 334 -36.14 6.86 26.79
C LEU B 334 -35.43 8.17 27.21
N LEU B 335 -34.39 8.61 26.48
CA LEU B 335 -33.75 9.94 26.69
C LEU B 335 -34.43 11.12 25.96
N LYS B 336 -35.43 10.87 25.11
CA LYS B 336 -36.08 11.95 24.31
C LYS B 336 -37.54 12.07 24.62
N SER C 1 23.53 21.38 -13.64
CA SER C 1 24.40 22.10 -14.64
C SER C 1 23.59 22.97 -15.67
N MET C 2 22.35 22.57 -16.04
CA MET C 2 21.56 23.30 -17.02
C MET C 2 21.18 24.56 -16.22
N HIS C 3 21.22 25.70 -16.80
CA HIS C 3 20.92 26.90 -15.94
C HIS C 3 22.13 27.78 -16.10
N LEU C 4 23.30 27.17 -15.97
CA LEU C 4 24.56 27.84 -16.32
C LEU C 4 24.76 28.04 -17.84
N ILE C 5 23.97 27.33 -18.69
CA ILE C 5 24.11 27.35 -20.17
C ILE C 5 22.85 27.67 -20.99
N CYS C 6 21.73 28.03 -20.33
CA CYS C 6 20.47 28.25 -21.06
C CYS C 6 19.87 29.65 -20.84
N GLN C 7 20.72 30.62 -20.53
CA GLN C 7 20.31 32.02 -20.27
C GLN C 7 20.17 32.87 -21.53
N SER C 8 19.28 33.87 -21.49
CA SER C 8 19.21 34.90 -22.54
C SER C 8 20.56 35.40 -22.86
N GLY C 9 20.92 35.40 -24.14
CA GLY C 9 22.22 35.93 -24.56
C GLY C 9 23.30 34.89 -24.81
N ASP C 10 23.20 33.71 -24.20
CA ASP C 10 24.20 32.66 -24.43
C ASP C 10 24.13 32.21 -25.88
N VAL C 11 25.28 31.80 -26.41
CA VAL C 11 25.41 31.41 -27.79
C VAL C 11 25.75 29.93 -27.85
N LEU C 12 24.92 29.13 -28.51
CA LEU C 12 25.13 27.70 -28.64
C LEU C 12 25.75 27.38 -30.00
N SER C 13 26.72 26.47 -29.98
CA SER C 13 27.37 25.95 -31.20
C SER C 13 27.84 27.04 -32.17
N ALA C 14 28.23 28.19 -31.64
CA ALA C 14 28.73 29.32 -32.43
C ALA C 14 27.76 29.87 -33.44
N ARG C 15 26.46 29.74 -33.19
CA ARG C 15 25.46 30.32 -34.07
C ARG C 15 24.12 30.68 -33.49
N TYR C 16 23.63 29.91 -32.51
CA TYR C 16 22.26 30.13 -31.98
C TYR C 16 22.32 30.97 -30.72
N GLU C 17 21.75 32.15 -30.76
CA GLU C 17 21.66 33.03 -29.61
C GLU C 17 20.30 32.88 -28.88
N ILE C 18 20.33 32.48 -27.61
CA ILE C 18 19.13 32.30 -26.83
C ILE C 18 18.42 33.62 -26.58
N VAL C 19 17.12 33.64 -26.91
CA VAL C 19 16.22 34.76 -26.66
C VAL C 19 15.55 34.58 -25.32
N ASP C 20 14.92 33.41 -25.12
CA ASP C 20 14.09 33.17 -23.95
C ASP C 20 13.69 31.68 -23.83
N THR C 21 13.22 31.27 -22.66
CA THR C 21 12.70 29.92 -22.47
C THR C 21 11.22 29.82 -22.87
N LEU C 22 10.89 28.85 -23.73
CA LEU C 22 9.50 28.64 -24.15
C LEU C 22 8.77 27.73 -23.17
N GLY C 23 9.41 26.64 -22.74
CA GLY C 23 8.85 25.81 -21.70
C GLY C 23 9.83 24.80 -21.17
N GLU C 24 9.46 24.16 -20.05
CA GLU C 24 10.26 23.13 -19.42
C GLU C 24 9.45 21.87 -19.26
N GLY C 25 10.14 20.78 -19.01
CA GLY C 25 9.54 19.50 -18.71
C GLY C 25 10.55 18.64 -17.97
N ALA C 26 10.22 17.38 -17.76
CA ALA C 26 11.10 16.40 -17.11
C ALA C 26 12.37 16.15 -17.94
N PHE C 27 12.24 16.21 -19.25
CA PHE C 27 13.37 16.02 -20.18
C PHE C 27 14.44 17.16 -20.16
N GLY C 28 14.07 18.37 -19.73
CA GLY C 28 14.86 19.56 -19.97
C GLY C 28 14.02 20.78 -20.34
N LYS C 29 14.49 21.56 -21.31
CA LYS C 29 14.04 22.93 -21.58
C LYS C 29 13.90 23.01 -23.12
N VAL C 30 12.97 23.82 -23.63
CA VAL C 30 12.99 24.26 -25.00
C VAL C 30 13.18 25.76 -24.97
N VAL C 31 14.15 26.27 -25.73
CA VAL C 31 14.38 27.73 -25.81
C VAL C 31 14.17 28.24 -27.24
N GLU C 32 13.73 29.48 -27.36
CA GLU C 32 13.75 30.16 -28.65
C GLU C 32 15.14 30.77 -28.87
N CYS C 33 15.67 30.63 -30.08
CA CYS C 33 16.94 31.19 -30.47
C CYS C 33 16.87 31.93 -31.80
N ILE C 34 17.78 32.90 -31.94
CA ILE C 34 18.16 33.50 -33.21
C ILE C 34 19.27 32.71 -33.89
N ASP C 35 19.05 32.28 -35.13
CA ASP C 35 20.06 31.58 -35.90
C ASP C 35 20.88 32.59 -36.71
N HIS C 36 22.07 32.91 -36.21
CA HIS C 36 22.93 33.89 -36.87
C HIS C 36 23.54 33.48 -38.18
N LYS C 37 23.49 32.19 -38.51
CA LYS C 37 23.98 31.73 -39.79
C LYS C 37 22.92 31.63 -40.89
N ALA C 38 21.65 31.70 -40.54
CA ALA C 38 20.57 31.64 -41.53
C ALA C 38 19.81 32.96 -41.51
N GLY C 39 20.57 34.07 -41.43
CA GLY C 39 20.05 35.41 -41.59
C GLY C 39 19.26 35.97 -40.43
N GLY C 40 19.34 35.34 -39.25
CA GLY C 40 18.55 35.78 -38.11
C GLY C 40 17.23 35.08 -37.89
N ARG C 41 16.92 34.08 -38.72
CA ARG C 41 15.68 33.26 -38.53
C ARG C 41 15.60 32.73 -37.10
N HIS C 42 14.42 32.81 -36.50
CA HIS C 42 14.18 32.24 -35.18
C HIS C 42 13.90 30.74 -35.25
N VAL C 43 14.40 29.99 -34.27
CA VAL C 43 14.24 28.54 -34.21
C VAL C 43 13.98 28.14 -32.77
N ALA C 44 13.62 26.88 -32.58
CA ALA C 44 13.43 26.31 -31.25
C ALA C 44 14.55 25.30 -30.99
N VAL C 45 15.17 25.36 -29.82
CA VAL C 45 16.23 24.41 -29.50
C VAL C 45 15.89 23.67 -28.21
N LYS C 46 15.79 22.36 -28.30
CA LYS C 46 15.52 21.53 -27.15
C LYS C 46 16.83 21.13 -26.49
N ILE C 47 17.01 21.54 -25.24
CA ILE C 47 18.24 21.25 -24.47
C ILE C 47 17.91 20.13 -23.48
N VAL C 48 18.55 18.99 -23.66
CA VAL C 48 18.20 17.79 -22.96
C VAL C 48 19.05 17.64 -21.69
N LYS C 49 18.40 17.24 -20.60
CA LYS C 49 19.11 16.98 -19.32
C LYS C 49 20.25 15.96 -19.47
N ASN C 50 21.36 16.24 -18.81
CA ASN C 50 22.50 15.35 -18.83
C ASN C 50 22.28 14.23 -17.83
N VAL C 51 21.36 13.33 -18.18
CA VAL C 51 20.90 12.23 -17.36
C VAL C 51 20.64 11.07 -18.34
N ASP C 52 21.04 9.86 -17.96
CA ASP C 52 21.13 8.70 -18.89
C ASP C 52 19.81 8.36 -19.63
N ARG C 53 18.70 8.27 -18.91
CA ARG C 53 17.44 7.97 -19.57
C ARG C 53 17.02 9.01 -20.63
N TYR C 54 17.27 10.30 -20.39
CA TYR C 54 16.92 11.34 -21.36
C TYR C 54 17.89 11.50 -22.53
N CYS C 55 19.17 11.23 -22.31
CA CYS C 55 20.17 11.20 -23.38
C CYS C 55 19.87 10.07 -24.37
N GLU C 56 19.50 8.91 -23.83
CA GLU C 56 19.16 7.72 -24.63
C GLU C 56 17.91 7.95 -25.46
N ALA C 57 16.88 8.54 -24.83
CA ALA C 57 15.66 8.95 -25.51
C ALA C 57 15.91 10.00 -26.61
N ALA C 58 16.78 10.97 -26.34
CA ALA C 58 17.17 11.98 -27.33
C ALA C 58 17.86 11.36 -28.55
N ARG C 59 18.75 10.39 -28.32
CA ARG C 59 19.42 9.69 -29.44
C ARG C 59 18.42 8.88 -30.29
N SER C 60 17.46 8.24 -29.62
CA SER C 60 16.38 7.50 -30.28
C SER C 60 15.47 8.44 -31.12
N GLU C 61 15.08 9.59 -30.54
CA GLU C 61 14.30 10.62 -31.25
C GLU C 61 14.99 11.10 -32.52
N ILE C 62 16.30 11.35 -32.43
CA ILE C 62 17.08 11.79 -33.58
C ILE C 62 16.99 10.78 -34.72
N GLN C 63 17.07 9.48 -34.41
CA GLN C 63 16.95 8.45 -35.46
C GLN C 63 15.56 8.43 -36.08
N VAL C 64 14.52 8.41 -35.23
CA VAL C 64 13.13 8.40 -35.70
C VAL C 64 12.82 9.61 -36.58
N LEU C 65 13.18 10.81 -36.15
CA LEU C 65 12.92 12.01 -36.97
C LEU C 65 13.70 12.12 -38.30
N GLU C 66 14.92 11.60 -38.35
CA GLU C 66 15.68 11.51 -39.62
C GLU C 66 14.92 10.64 -40.64
N HIS C 67 14.40 9.51 -40.17
CA HIS C 67 13.60 8.62 -40.97
C HIS C 67 12.29 9.31 -41.42
N LEU C 68 11.54 9.90 -40.49
CA LEU C 68 10.25 10.54 -40.83
C LEU C 68 10.37 11.80 -41.70
N ASN C 69 11.33 12.68 -41.39
CA ASN C 69 11.52 13.89 -42.18
C ASN C 69 11.98 13.55 -43.61
N THR C 70 12.80 12.51 -43.81
CA THR C 70 13.20 12.13 -45.18
C THR C 70 12.05 11.44 -45.96
N THR C 71 11.27 10.59 -45.29
CA THR C 71 10.08 9.95 -45.90
C THR C 71 9.01 10.99 -46.30
N ASP C 72 8.87 12.06 -45.52
CA ASP C 72 7.86 13.11 -45.72
C ASP C 72 8.54 14.48 -45.59
N PRO C 73 9.33 14.88 -46.61
CA PRO C 73 10.11 16.11 -46.54
C PRO C 73 9.32 17.43 -46.46
N ASN C 74 8.09 17.48 -46.93
CA ASN C 74 7.26 18.71 -46.82
C ASN C 74 6.35 18.78 -45.59
N SER C 75 6.48 17.82 -44.69
CA SER C 75 5.61 17.74 -43.50
C SER C 75 4.09 17.65 -43.84
N THR C 76 3.78 16.95 -44.92
CA THR C 76 2.38 16.70 -45.32
C THR C 76 1.59 16.06 -44.18
N PHE C 77 2.26 15.21 -43.41
CA PHE C 77 1.66 14.50 -42.30
C PHE C 77 1.90 15.15 -40.91
N ARG C 78 2.44 16.36 -40.89
CA ARG C 78 2.48 17.21 -39.70
C ARG C 78 3.31 16.68 -38.50
N CYS C 79 4.35 15.91 -38.78
CA CYS C 79 5.44 15.70 -37.80
C CYS C 79 6.38 16.92 -37.82
N VAL C 80 6.78 17.39 -36.65
CA VAL C 80 7.74 18.53 -36.54
C VAL C 80 9.04 18.27 -37.33
N GLN C 81 9.55 19.32 -37.97
CA GLN C 81 10.82 19.23 -38.72
C GLN C 81 12.02 19.46 -37.79
N MET C 82 12.89 18.45 -37.72
CA MET C 82 14.21 18.60 -37.08
C MET C 82 15.17 19.20 -38.08
N LEU C 83 15.90 20.28 -37.68
CA LEU C 83 16.82 20.96 -38.56
C LEU C 83 18.29 20.51 -38.42
N GLU C 84 18.75 20.30 -37.18
CA GLU C 84 20.04 19.62 -36.92
C GLU C 84 20.16 19.31 -35.43
N TRP C 85 21.24 18.64 -35.04
CA TRP C 85 21.55 18.43 -33.63
C TRP C 85 23.05 18.64 -33.34
N PHE C 86 23.38 18.86 -32.07
CA PHE C 86 24.75 19.05 -31.63
C PHE C 86 24.87 18.86 -30.10
N GLU C 87 26.09 18.89 -29.58
CA GLU C 87 26.38 18.80 -28.13
C GLU C 87 26.96 20.09 -27.59
N HIS C 88 26.56 20.47 -26.39
CA HIS C 88 26.93 21.76 -25.80
C HIS C 88 27.13 21.56 -24.30
N HIS C 89 28.38 21.66 -23.87
CA HIS C 89 28.79 21.43 -22.48
C HIS C 89 28.16 20.16 -21.91
N GLY C 90 28.30 19.03 -22.60
CA GLY C 90 27.72 17.75 -22.14
C GLY C 90 26.20 17.56 -22.30
N HIS C 91 25.50 18.49 -22.94
CA HIS C 91 24.03 18.36 -23.14
C HIS C 91 23.72 18.16 -24.62
N ILE C 92 22.91 17.15 -24.94
CA ILE C 92 22.39 17.00 -26.32
C ILE C 92 21.37 18.13 -26.60
N CYS C 93 21.50 18.77 -27.76
CA CYS C 93 20.62 19.89 -28.17
C CYS C 93 20.06 19.58 -29.58
N ILE C 94 18.72 19.68 -29.75
CA ILE C 94 18.08 19.35 -31.01
C ILE C 94 17.37 20.58 -31.48
N VAL C 95 17.63 20.98 -32.74
CA VAL C 95 17.09 22.22 -33.29
C VAL C 95 15.85 21.85 -34.11
N PHE C 96 14.76 22.60 -33.93
CA PHE C 96 13.52 22.41 -34.67
C PHE C 96 13.03 23.73 -35.26
N GLU C 97 12.14 23.62 -36.25
CA GLU C 97 11.31 24.76 -36.72
C GLU C 97 10.57 25.32 -35.51
N LEU C 98 10.37 26.63 -35.50
CA LEU C 98 9.74 27.30 -34.35
C LEU C 98 8.21 27.28 -34.50
N LEU C 99 7.53 26.68 -33.52
CA LEU C 99 6.09 26.58 -33.47
C LEU C 99 5.57 27.48 -32.35
N GLY C 100 4.26 27.50 -32.18
CA GLY C 100 3.59 28.21 -31.08
C GLY C 100 3.39 27.29 -29.90
N LEU C 101 2.58 27.75 -28.95
CA LEU C 101 2.32 27.02 -27.70
C LEU C 101 1.73 25.63 -27.91
N SER C 102 1.93 24.76 -26.95
CA SER C 102 1.21 23.50 -26.91
C SER C 102 -0.28 23.73 -26.66
N THR C 103 -1.08 22.73 -27.05
CA THR C 103 -2.53 22.82 -26.86
C THR C 103 -2.86 22.86 -25.37
N TYR C 104 -2.05 22.18 -24.55
CA TYR C 104 -2.18 22.21 -23.08
C TYR C 104 -1.99 23.62 -22.55
N ASP C 105 -0.87 24.25 -22.95
CA ASP C 105 -0.55 25.61 -22.51
C ASP C 105 -1.63 26.61 -22.87
N PHE C 106 -2.20 26.47 -24.05
CA PHE C 106 -3.25 27.38 -24.47
C PHE C 106 -4.47 27.28 -23.55
N ILE C 107 -4.85 26.04 -23.24
CA ILE C 107 -5.97 25.77 -22.35
C ILE C 107 -5.71 26.37 -20.95
N LYS C 108 -4.52 26.12 -20.45
CA LYS C 108 -4.08 26.65 -19.15
C LYS C 108 -4.13 28.17 -19.07
N GLU C 109 -3.55 28.83 -20.06
CA GLU C 109 -3.54 30.28 -20.11
C GLU C 109 -4.91 30.90 -20.31
N ASN C 110 -5.89 30.11 -20.78
CA ASN C 110 -7.23 30.60 -21.02
C ASN C 110 -8.16 30.20 -19.87
N GLY C 111 -7.57 29.89 -18.71
CA GLY C 111 -8.37 29.59 -17.53
C GLY C 111 -9.02 28.21 -17.49
N PHE C 112 -8.39 27.23 -18.15
CA PHE C 112 -8.94 25.87 -18.32
C PHE C 112 -10.37 25.89 -18.95
N LEU C 113 -10.48 26.59 -20.07
CA LEU C 113 -11.67 26.63 -20.86
C LEU C 113 -11.48 25.77 -22.13
N PRO C 114 -12.58 25.14 -22.59
CA PRO C 114 -12.45 24.28 -23.77
C PRO C 114 -12.24 25.04 -25.11
N PHE C 115 -11.81 24.31 -26.13
CA PHE C 115 -11.86 24.76 -27.51
C PHE C 115 -13.27 24.66 -28.10
N ARG C 116 -13.62 25.51 -29.05
CA ARG C 116 -14.90 25.33 -29.67
C ARG C 116 -14.89 24.22 -30.74
N LEU C 117 -16.07 23.67 -31.02
CA LEU C 117 -16.20 22.38 -31.69
C LEU C 117 -15.66 22.31 -33.12
N ASP C 118 -15.81 23.39 -33.89
CA ASP C 118 -15.25 23.42 -35.24
C ASP C 118 -13.70 23.40 -35.22
N HIS C 119 -13.08 23.99 -34.20
CA HIS C 119 -11.61 23.84 -34.02
C HIS C 119 -11.22 22.44 -33.60
N ILE C 120 -11.98 21.84 -32.68
CA ILE C 120 -11.76 20.47 -32.26
C ILE C 120 -11.78 19.53 -33.47
N ARG C 121 -12.76 19.72 -34.37
CA ARG C 121 -12.89 18.86 -35.56
C ARG C 121 -11.63 18.89 -36.46
N LYS C 122 -11.17 20.09 -36.77
CA LYS C 122 -9.90 20.26 -37.52
C LYS C 122 -8.67 19.68 -36.80
N MET C 123 -8.52 20.00 -35.51
CA MET C 123 -7.37 19.53 -34.72
C MET C 123 -7.35 17.99 -34.66
N ALA C 124 -8.52 17.40 -34.39
CA ALA C 124 -8.68 15.93 -34.31
C ALA C 124 -8.38 15.23 -35.63
N TYR C 125 -8.80 15.83 -36.72
CA TYR C 125 -8.51 15.28 -38.03
C TYR C 125 -6.99 15.27 -38.31
N GLN C 126 -6.33 16.38 -38.03
CA GLN C 126 -4.85 16.48 -38.22
C GLN C 126 -4.08 15.54 -37.31
N ILE C 127 -4.51 15.41 -36.05
CA ILE C 127 -3.84 14.49 -35.13
C ILE C 127 -4.00 13.04 -35.62
N CYS C 128 -5.22 12.63 -36.00
CA CYS C 128 -5.45 11.28 -36.51
C CYS C 128 -4.65 10.98 -37.79
N LYS C 129 -4.57 11.98 -38.67
CA LYS C 129 -3.83 11.85 -39.92
C LYS C 129 -2.31 11.70 -39.67
N SER C 130 -1.78 12.51 -38.75
CA SER C 130 -0.37 12.48 -38.41
C SER C 130 0.06 11.16 -37.78
N VAL C 131 -0.67 10.74 -36.75
CA VAL C 131 -0.36 9.49 -36.05
C VAL C 131 -0.64 8.22 -36.91
N ASN C 132 -1.64 8.30 -37.80
CA ASN C 132 -1.88 7.20 -38.74
C ASN C 132 -0.68 7.01 -39.68
N PHE C 133 -0.05 8.11 -40.08
CA PHE C 133 1.19 8.06 -40.87
C PHE C 133 2.31 7.36 -40.09
N LEU C 134 2.41 7.61 -38.78
CA LEU C 134 3.32 6.82 -37.94
C LEU C 134 2.94 5.33 -37.97
N HIS C 135 1.66 5.03 -37.76
CA HIS C 135 1.18 3.65 -37.76
C HIS C 135 1.41 2.92 -39.10
N SER C 136 1.37 3.65 -40.21
CA SER C 136 1.68 3.06 -41.52
C SER C 136 3.15 2.71 -41.71
N ASN C 137 4.04 3.28 -40.91
CA ASN C 137 5.49 3.03 -41.01
C ASN C 137 6.01 2.24 -39.81
N LYS C 138 5.16 1.38 -39.23
CA LYS C 138 5.54 0.43 -38.17
C LYS C 138 5.98 1.08 -36.85
N LEU C 139 5.45 2.27 -36.58
CA LEU C 139 5.73 3.01 -35.33
C LEU C 139 4.49 3.21 -34.45
N THR C 140 4.73 3.25 -33.15
CA THR C 140 3.76 3.69 -32.13
C THR C 140 4.44 4.81 -31.36
N HIS C 141 3.73 5.91 -31.14
CA HIS C 141 4.29 7.10 -30.44
C HIS C 141 4.44 6.79 -28.95
N THR C 142 3.35 6.28 -28.34
CA THR C 142 3.26 5.89 -26.91
C THR C 142 3.11 7.01 -25.88
N ASP C 143 3.30 8.26 -26.26
CA ASP C 143 3.25 9.37 -25.33
C ASP C 143 2.47 10.55 -25.86
N LEU C 144 1.30 10.27 -26.47
CA LEU C 144 0.45 11.33 -26.93
C LEU C 144 -0.29 11.99 -25.76
N LYS C 145 -0.25 13.32 -25.74
CA LYS C 145 -0.95 14.12 -24.73
C LYS C 145 -0.93 15.57 -25.21
N PRO C 146 -1.73 16.46 -24.60
CA PRO C 146 -1.89 17.81 -25.17
C PRO C 146 -0.60 18.64 -25.19
N GLU C 147 0.32 18.37 -24.25
CA GLU C 147 1.63 19.00 -24.20
C GLU C 147 2.45 18.70 -25.45
N ASN C 148 2.20 17.55 -26.08
CA ASN C 148 2.93 17.10 -27.27
C ASN C 148 2.22 17.38 -28.58
N ILE C 149 1.15 18.16 -28.53
CA ILE C 149 0.50 18.70 -29.74
C ILE C 149 0.61 20.19 -29.69
N LEU C 150 1.17 20.77 -30.73
CA LEU C 150 1.52 22.20 -30.73
C LEU C 150 0.89 22.92 -31.89
N PHE C 151 0.40 24.13 -31.63
CA PHE C 151 -0.14 24.96 -32.69
C PHE C 151 0.98 25.45 -33.57
N VAL C 152 0.75 25.45 -34.88
CA VAL C 152 1.70 26.10 -35.83
C VAL C 152 1.82 27.60 -35.49
N GLN C 153 0.68 28.22 -35.20
CA GLN C 153 0.60 29.60 -34.70
C GLN C 153 -0.48 29.68 -33.63
N SER C 154 -0.13 30.24 -32.48
CA SER C 154 -0.99 30.25 -31.28
C SER C 154 -1.60 31.61 -30.99
N ASP C 155 -1.50 32.53 -31.92
CA ASP C 155 -2.15 33.81 -31.74
C ASP C 155 -3.71 33.71 -31.61
N TYR C 156 -4.28 34.64 -30.84
CA TYR C 156 -5.72 34.71 -30.62
C TYR C 156 -6.29 36.15 -30.72
N THR C 157 -7.60 36.27 -30.92
CA THR C 157 -8.32 37.54 -30.70
C THR C 157 -8.97 37.46 -29.34
N GLU C 158 -9.17 38.63 -28.72
CA GLU C 158 -9.66 38.75 -27.34
C GLU C 158 -10.82 39.77 -27.22
N ALA C 159 -11.93 39.36 -26.61
CA ALA C 159 -13.13 40.23 -26.45
C ALA C 159 -13.89 39.95 -25.14
N TYR C 160 -14.62 40.95 -24.64
CA TYR C 160 -15.54 40.78 -23.52
C TYR C 160 -16.79 40.03 -24.00
N ASN C 161 -17.11 38.94 -23.32
CA ASN C 161 -18.31 38.14 -23.62
C ASN C 161 -19.40 38.54 -22.60
N PRO C 162 -20.43 39.30 -23.04
CA PRO C 162 -21.48 39.73 -22.08
C PRO C 162 -22.27 38.58 -21.44
N LYS C 163 -22.45 37.48 -22.17
CA LYS C 163 -23.17 36.29 -21.66
C LYS C 163 -22.61 35.69 -20.35
N ILE C 164 -21.31 35.77 -20.16
CA ILE C 164 -20.65 35.18 -18.98
C ILE C 164 -19.93 36.22 -18.10
N LYS C 165 -20.12 37.50 -18.39
CA LYS C 165 -19.47 38.62 -17.67
C LYS C 165 -17.94 38.45 -17.51
N ARG C 166 -17.26 38.03 -18.58
CA ARG C 166 -15.81 37.71 -18.55
C ARG C 166 -15.08 37.89 -19.91
N ASP C 167 -13.80 38.26 -19.91
CA ASP C 167 -13.00 38.33 -21.16
C ASP C 167 -12.70 36.93 -21.70
N GLU C 168 -12.61 36.78 -23.03
CA GLU C 168 -12.49 35.46 -23.67
C GLU C 168 -11.62 35.49 -24.93
N ARG C 169 -10.82 34.44 -25.08
CA ARG C 169 -9.88 34.31 -26.18
C ARG C 169 -10.37 33.33 -27.25
N THR C 170 -10.10 33.66 -28.51
CA THR C 170 -10.43 32.80 -29.63
C THR C 170 -9.21 32.59 -30.54
N LEU C 171 -8.70 31.37 -30.61
CA LEU C 171 -7.68 30.99 -31.63
C LEU C 171 -8.03 31.48 -33.00
N ILE C 172 -7.04 31.98 -33.72
CA ILE C 172 -7.20 32.39 -35.10
C ILE C 172 -7.02 31.20 -36.02
N ASN C 173 -5.97 30.41 -35.81
CA ASN C 173 -5.66 29.30 -36.73
C ASN C 173 -5.39 28.06 -35.92
N PRO C 174 -6.19 27.01 -36.14
CA PRO C 174 -6.07 25.83 -35.29
C PRO C 174 -5.12 24.75 -35.80
N ASP C 175 -4.37 24.99 -36.86
CA ASP C 175 -3.44 23.97 -37.37
C ASP C 175 -2.40 23.54 -36.31
N ILE C 176 -2.06 22.25 -36.30
CA ILE C 176 -1.14 21.67 -35.31
C ILE C 176 -0.01 20.81 -35.92
N LYS C 177 0.95 20.45 -35.07
CA LYS C 177 1.94 19.41 -35.36
C LYS C 177 2.16 18.53 -34.15
N VAL C 178 2.63 17.33 -34.39
CA VAL C 178 2.97 16.38 -33.31
C VAL C 178 4.51 16.42 -33.00
N VAL C 179 4.88 16.43 -31.71
CA VAL C 179 6.29 16.43 -31.30
C VAL C 179 6.59 15.28 -30.34
N ASP C 180 7.87 15.18 -29.95
CA ASP C 180 8.39 14.23 -28.98
C ASP C 180 8.34 12.77 -29.43
N PHE C 181 9.38 12.38 -30.17
CA PHE C 181 9.53 11.02 -30.70
C PHE C 181 10.58 10.18 -29.95
N GLY C 182 10.82 10.52 -28.68
CA GLY C 182 11.78 9.81 -27.87
C GLY C 182 11.32 8.49 -27.25
N SER C 183 10.01 8.25 -27.15
CA SER C 183 9.48 6.96 -26.68
C SER C 183 8.94 6.10 -27.83
N ALA C 184 8.96 6.64 -29.05
CA ALA C 184 8.43 5.99 -30.20
C ALA C 184 9.16 4.67 -30.45
N THR C 185 8.40 3.64 -30.79
CA THR C 185 8.89 2.28 -30.81
C THR C 185 8.44 1.56 -32.09
N TYR C 186 9.37 0.92 -32.81
CA TYR C 186 9.06 0.14 -34.01
C TYR C 186 8.42 -1.21 -33.61
N ASP C 187 7.58 -1.73 -34.49
CA ASP C 187 6.98 -3.08 -34.32
C ASP C 187 8.01 -4.15 -33.95
N ASP C 188 9.19 -4.09 -34.57
CA ASP C 188 10.24 -5.10 -34.39
C ASP C 188 11.26 -4.84 -33.24
N GLU C 189 11.08 -3.78 -32.43
CA GLU C 189 11.95 -3.48 -31.28
C GLU C 189 11.34 -3.98 -30.00
N HIS C 190 12.13 -3.98 -28.94
CA HIS C 190 11.68 -4.30 -27.61
C HIS C 190 10.66 -3.26 -27.09
N HIS C 191 9.55 -3.76 -26.54
CA HIS C 191 8.49 -2.96 -25.91
C HIS C 191 8.64 -2.99 -24.37
N SER C 192 8.93 -1.85 -23.76
CA SER C 192 8.95 -1.75 -22.29
C SER C 192 7.55 -1.93 -21.73
N THR C 193 7.48 -2.40 -20.49
CA THR C 193 6.20 -2.66 -19.85
C THR C 193 5.45 -1.38 -19.46
N LEU C 194 6.15 -0.37 -18.95
CA LEU C 194 5.53 0.93 -18.74
C LEU C 194 5.68 1.88 -19.93
N VAL C 195 4.56 2.40 -20.42
CA VAL C 195 4.56 3.52 -21.39
C VAL C 195 3.39 4.51 -21.12
N SER C 196 3.52 5.70 -21.72
CA SER C 196 2.57 6.83 -21.64
C SER C 196 2.55 7.57 -20.28
N THR C 197 2.24 8.85 -20.32
CA THR C 197 1.91 9.62 -19.11
C THR C 197 0.59 9.07 -18.55
N ARG C 198 0.52 8.94 -17.24
CA ARG C 198 -0.51 8.15 -16.59
C ARG C 198 -1.94 8.47 -17.00
N HIS C 199 -2.23 9.73 -17.29
CA HIS C 199 -3.62 10.10 -17.50
C HIS C 199 -4.05 9.65 -18.92
N TYR C 200 -3.10 9.36 -19.84
CA TYR C 200 -3.44 9.01 -21.24
C TYR C 200 -3.07 7.55 -21.53
N ARG C 201 -2.94 6.77 -20.47
CA ARG C 201 -2.45 5.44 -20.55
C ARG C 201 -3.60 4.42 -20.73
N ALA C 202 -3.42 3.55 -21.71
CA ALA C 202 -4.44 2.58 -22.09
C ALA C 202 -4.56 1.45 -21.05
N PRO C 203 -5.76 0.83 -20.93
CA PRO C 203 -5.96 -0.25 -19.96
C PRO C 203 -5.05 -1.46 -20.18
N GLU C 204 -4.75 -1.81 -21.43
CA GLU C 204 -3.79 -2.89 -21.72
C GLU C 204 -2.36 -2.61 -21.19
N VAL C 205 -2.00 -1.33 -21.12
CA VAL C 205 -0.71 -0.93 -20.57
C VAL C 205 -0.74 -1.04 -19.02
N ILE C 206 -1.74 -0.42 -18.39
CA ILE C 206 -1.92 -0.54 -16.92
C ILE C 206 -1.92 -2.02 -16.47
N LEU C 207 -2.60 -2.91 -17.23
CA LEU C 207 -2.70 -4.32 -16.86
C LEU C 207 -1.57 -5.21 -17.41
N ALA C 208 -0.58 -4.60 -18.07
CA ALA C 208 0.63 -5.29 -18.57
C ALA C 208 0.29 -6.45 -19.51
N LEU C 209 -0.64 -6.23 -20.43
CA LEU C 209 -1.06 -7.27 -21.38
C LEU C 209 -0.34 -7.20 -22.73
N GLY C 210 0.62 -6.28 -22.88
CA GLY C 210 1.22 -6.02 -24.18
C GLY C 210 0.45 -4.95 -24.93
N TRP C 211 1.15 -4.25 -25.81
CA TRP C 211 0.56 -3.09 -26.45
C TRP C 211 1.19 -2.89 -27.80
N SER C 212 0.47 -2.19 -28.66
CA SER C 212 1.05 -1.68 -29.92
C SER C 212 0.24 -0.45 -30.37
N GLN C 213 0.03 -0.27 -31.66
CA GLN C 213 -0.61 0.92 -32.21
C GLN C 213 -1.91 1.32 -31.49
N PRO C 214 -2.78 0.33 -31.15
CA PRO C 214 -4.01 0.78 -30.49
C PRO C 214 -3.86 1.63 -29.19
N CYS C 215 -2.76 1.50 -28.45
CA CYS C 215 -2.60 2.34 -27.25
C CYS C 215 -2.56 3.85 -27.57
N ASP C 216 -2.10 4.21 -28.77
CA ASP C 216 -2.15 5.60 -29.26
C ASP C 216 -3.60 6.06 -29.49
N VAL C 217 -4.44 5.16 -29.99
CA VAL C 217 -5.83 5.51 -30.24
C VAL C 217 -6.55 5.83 -28.91
N TRP C 218 -6.30 5.03 -27.89
CA TRP C 218 -6.84 5.34 -26.56
C TRP C 218 -6.41 6.75 -26.14
N SER C 219 -5.11 7.06 -26.25
CA SER C 219 -4.57 8.36 -25.84
C SER C 219 -5.27 9.54 -26.54
N ILE C 220 -5.49 9.38 -27.85
CA ILE C 220 -6.17 10.40 -28.65
C ILE C 220 -7.62 10.63 -28.15
N GLY C 221 -8.31 9.56 -27.76
CA GLY C 221 -9.66 9.70 -27.18
C GLY C 221 -9.69 10.53 -25.91
N CYS C 222 -8.71 10.30 -25.03
CA CYS C 222 -8.52 11.11 -23.82
C CYS C 222 -8.22 12.57 -24.14
N ILE C 223 -7.41 12.82 -25.18
CA ILE C 223 -7.10 14.19 -25.61
C ILE C 223 -8.37 14.92 -26.10
N LEU C 224 -9.16 14.24 -26.93
CA LEU C 224 -10.37 14.88 -27.53
C LEU C 224 -11.42 15.28 -26.49
N ILE C 225 -11.61 14.45 -25.49
CA ILE C 225 -12.49 14.80 -24.33
C ILE C 225 -11.97 16.01 -23.58
N GLU C 226 -10.65 16.09 -23.42
CA GLU C 226 -10.02 17.25 -22.76
C GLU C 226 -10.23 18.54 -23.50
N TYR C 227 -10.07 18.49 -24.81
CA TYR C 227 -10.33 19.66 -25.64
C TYR C 227 -11.79 20.14 -25.55
N TYR C 228 -12.71 19.18 -25.44
CA TYR C 228 -14.13 19.47 -25.34
C TYR C 228 -14.55 20.01 -23.97
N LEU C 229 -13.95 19.48 -22.90
CA LEU C 229 -14.31 19.89 -21.52
C LEU C 229 -13.39 20.97 -20.90
N GLY C 230 -12.12 21.04 -21.32
CA GLY C 230 -11.12 21.92 -20.70
C GLY C 230 -10.34 21.29 -19.57
N PHE C 231 -10.61 20.01 -19.27
CA PHE C 231 -9.96 19.35 -18.17
C PHE C 231 -9.87 17.85 -18.44
N THR C 232 -8.95 17.20 -17.74
CA THR C 232 -8.73 15.76 -17.79
C THR C 232 -9.85 14.98 -17.11
N VAL C 233 -10.33 13.90 -17.71
CA VAL C 233 -11.39 13.05 -17.07
C VAL C 233 -10.82 12.04 -16.11
N PHE C 234 -9.49 11.84 -16.16
CA PHE C 234 -8.79 10.91 -15.27
C PHE C 234 -7.73 11.65 -14.40
N PRO C 235 -8.19 12.55 -13.50
CA PRO C 235 -7.26 13.28 -12.62
C PRO C 235 -6.79 12.42 -11.45
N THR C 236 -5.81 11.59 -11.69
CA THR C 236 -5.34 10.67 -10.66
C THR C 236 -3.91 10.27 -10.90
N HIS C 237 -3.26 9.86 -9.80
CA HIS C 237 -1.89 9.38 -9.82
C HIS C 237 -1.78 7.94 -9.27
N ASP C 238 -2.92 7.26 -9.13
CA ASP C 238 -2.95 5.90 -8.61
C ASP C 238 -3.62 5.00 -9.63
N SER C 239 -2.96 3.90 -9.99
CA SER C 239 -3.47 2.97 -11.00
C SER C 239 -4.84 2.36 -10.70
N LYS C 240 -5.05 1.94 -9.45
CA LYS C 240 -6.31 1.33 -9.05
C LYS C 240 -7.46 2.33 -9.13
N GLU C 241 -7.25 3.54 -8.62
CA GLU C 241 -8.22 4.63 -8.71
C GLU C 241 -8.57 4.95 -10.18
N HIS C 242 -7.54 4.94 -11.03
CA HIS C 242 -7.69 5.17 -12.46
C HIS C 242 -8.67 4.12 -13.05
N LEU C 243 -8.48 2.85 -12.70
CA LEU C 243 -9.33 1.79 -13.19
C LEU C 243 -10.76 1.96 -12.67
N ALA C 244 -10.90 2.42 -11.44
CA ALA C 244 -12.22 2.74 -10.89
C ALA C 244 -12.89 3.87 -11.64
N MET C 245 -12.11 4.88 -12.01
CA MET C 245 -12.64 5.98 -12.79
C MET C 245 -13.12 5.50 -14.16
N MET C 246 -12.35 4.59 -14.78
CA MET C 246 -12.72 4.02 -16.08
C MET C 246 -14.08 3.30 -15.98
N GLU C 247 -14.28 2.52 -14.92
CA GLU C 247 -15.51 1.73 -14.76
C GLU C 247 -16.72 2.61 -14.65
N ARG C 248 -16.57 3.76 -13.99
CA ARG C 248 -17.66 4.71 -13.80
C ARG C 248 -18.01 5.44 -15.09
N ILE C 249 -17.01 5.74 -15.91
CA ILE C 249 -17.25 6.47 -17.14
C ILE C 249 -17.66 5.53 -18.30
N LEU C 250 -17.08 4.34 -18.35
CA LEU C 250 -17.21 3.44 -19.50
C LEU C 250 -17.85 2.08 -19.21
N GLY C 251 -18.17 1.79 -17.95
CA GLY C 251 -18.65 0.46 -17.56
C GLY C 251 -17.54 -0.53 -17.22
N PRO C 252 -17.92 -1.75 -16.79
CA PRO C 252 -16.92 -2.69 -16.27
C PRO C 252 -15.95 -3.24 -17.32
N LEU C 253 -14.76 -3.61 -16.87
CA LEU C 253 -13.72 -4.14 -17.74
C LEU C 253 -14.09 -5.52 -18.24
N PRO C 254 -13.67 -5.88 -19.47
CA PRO C 254 -13.95 -7.22 -19.99
C PRO C 254 -13.34 -8.31 -19.10
N LYS C 255 -14.10 -9.38 -18.83
CA LYS C 255 -13.64 -10.52 -18.04
C LYS C 255 -12.32 -11.11 -18.55
N HIS C 256 -12.21 -11.30 -19.85
CA HIS C 256 -11.01 -11.98 -20.39
C HIS C 256 -9.72 -11.17 -20.12
N MET C 257 -9.81 -9.85 -20.07
CA MET C 257 -8.63 -9.01 -19.73
C MET C 257 -8.29 -9.11 -18.26
N ILE C 258 -9.31 -9.12 -17.40
CA ILE C 258 -9.12 -9.35 -15.97
C ILE C 258 -8.45 -10.71 -15.69
N GLN C 259 -8.83 -11.73 -16.45
CA GLN C 259 -8.26 -13.07 -16.30
C GLN C 259 -6.81 -13.19 -16.77
N LYS C 260 -6.45 -12.49 -17.85
CA LYS C 260 -5.09 -12.60 -18.40
C LYS C 260 -4.03 -11.82 -17.61
N THR C 261 -4.41 -10.73 -16.92
CA THR C 261 -3.40 -9.86 -16.29
C THR C 261 -2.66 -10.57 -15.16
N ARG C 262 -1.35 -10.36 -15.09
CA ARG C 262 -0.57 -10.84 -13.96
C ARG C 262 -0.60 -9.83 -12.80
N LYS C 263 -1.19 -8.65 -13.01
CA LYS C 263 -1.37 -7.65 -11.94
C LYS C 263 -2.55 -8.00 -11.02
N ARG C 264 -2.40 -9.06 -10.22
CA ARG C 264 -3.50 -9.59 -9.41
C ARG C 264 -3.91 -8.68 -8.26
N LYS C 265 -3.01 -7.80 -7.80
CA LYS C 265 -3.31 -6.86 -6.69
C LYS C 265 -4.62 -6.07 -6.87
N TYR C 266 -4.97 -5.73 -8.11
CA TYR C 266 -6.14 -4.90 -8.42
C TYR C 266 -7.51 -5.59 -8.25
N PHE C 267 -7.55 -6.92 -8.12
CA PHE C 267 -8.82 -7.67 -8.26
C PHE C 267 -9.09 -8.65 -7.11
N HIS C 268 -10.36 -8.81 -6.75
CA HIS C 268 -10.83 -9.89 -5.88
C HIS C 268 -11.93 -10.64 -6.62
N HIS C 269 -11.87 -11.97 -6.56
CA HIS C 269 -12.56 -12.85 -7.50
C HIS C 269 -12.20 -12.35 -8.92
N ASP C 270 -13.16 -11.79 -9.67
CA ASP C 270 -12.82 -11.19 -10.97
C ASP C 270 -13.49 -9.82 -11.14
N ARG C 271 -13.40 -9.04 -10.07
CA ARG C 271 -13.98 -7.70 -9.95
C ARG C 271 -12.89 -6.80 -9.48
N LEU C 272 -12.96 -5.52 -9.82
CA LEU C 272 -12.01 -4.53 -9.29
C LEU C 272 -12.20 -4.43 -7.78
N ASP C 273 -11.12 -4.60 -7.03
CA ASP C 273 -11.14 -4.57 -5.55
C ASP C 273 -11.16 -3.12 -5.07
N TRP C 274 -12.35 -2.52 -5.12
CA TRP C 274 -12.52 -1.07 -4.93
C TRP C 274 -13.68 -0.81 -3.97
N ASP C 275 -13.38 -0.23 -2.81
CA ASP C 275 -14.41 0.12 -1.84
C ASP C 275 -15.07 1.42 -2.29
N GLU C 276 -16.29 1.29 -2.79
CA GLU C 276 -17.07 2.45 -3.26
C GLU C 276 -17.38 3.49 -2.16
N HIS C 277 -17.46 3.04 -0.89
CA HIS C 277 -17.84 3.91 0.25
C HIS C 277 -16.65 4.41 1.08
N SER C 278 -15.42 4.32 0.56
CA SER C 278 -14.27 4.93 1.21
C SER C 278 -14.20 6.42 0.87
N SER C 279 -13.25 7.12 1.49
CA SER C 279 -12.96 8.52 1.15
C SER C 279 -12.76 8.66 -0.36
N ALA C 280 -11.78 7.95 -0.89
CA ALA C 280 -11.44 7.97 -2.33
C ALA C 280 -12.59 7.51 -3.22
N GLY C 281 -13.33 6.51 -2.77
CA GLY C 281 -14.46 5.94 -3.54
C GLY C 281 -15.59 6.92 -3.79
N ARG C 282 -15.99 7.65 -2.73
CA ARG C 282 -17.02 8.71 -2.83
C ARG C 282 -16.59 9.84 -3.76
N TYR C 283 -15.28 10.14 -3.78
CA TYR C 283 -14.75 11.14 -4.70
C TYR C 283 -14.86 10.71 -6.17
N VAL C 284 -14.54 9.44 -6.46
CA VAL C 284 -14.70 8.88 -7.81
C VAL C 284 -16.17 8.93 -8.26
N SER C 285 -17.11 8.56 -7.39
CA SER C 285 -18.56 8.61 -7.73
C SER C 285 -19.09 10.00 -8.04
N ARG C 286 -18.61 11.00 -7.32
CA ARG C 286 -19.11 12.36 -7.47
C ARG C 286 -18.41 13.12 -8.60
N ALA C 287 -17.15 12.79 -8.92
CA ALA C 287 -16.45 13.46 -10.01
C ALA C 287 -16.70 12.81 -11.39
N CYS C 288 -16.88 11.50 -11.42
CA CYS C 288 -16.97 10.77 -12.68
C CYS C 288 -18.41 10.34 -12.87
N LYS C 289 -18.82 10.27 -14.12
CA LYS C 289 -20.15 9.78 -14.48
C LYS C 289 -20.05 9.20 -15.88
N PRO C 290 -21.11 8.46 -16.32
CA PRO C 290 -21.04 7.84 -17.66
C PRO C 290 -20.70 8.86 -18.74
N LEU C 291 -19.91 8.40 -19.70
CA LEU C 291 -19.34 9.24 -20.72
C LEU C 291 -20.30 10.26 -21.33
N LYS C 292 -21.48 9.79 -21.77
CA LYS C 292 -22.42 10.66 -22.50
C LYS C 292 -23.04 11.77 -21.64
N GLU C 293 -23.06 11.60 -20.32
CA GLU C 293 -23.50 12.69 -19.43
C GLU C 293 -22.53 13.90 -19.42
N PHE C 294 -21.30 13.76 -19.95
CA PHE C 294 -20.40 14.92 -20.13
C PHE C 294 -20.77 15.83 -21.28
N MET C 295 -21.66 15.40 -22.16
CA MET C 295 -22.07 16.18 -23.34
C MET C 295 -22.74 17.47 -22.89
N LEU C 296 -22.39 18.57 -23.54
CA LEU C 296 -22.95 19.88 -23.16
C LEU C 296 -24.13 20.31 -24.05
N SER C 297 -24.37 19.55 -25.11
CA SER C 297 -25.50 19.77 -26.02
C SER C 297 -25.90 18.44 -26.60
N GLN C 298 -27.16 18.38 -27.07
CA GLN C 298 -27.71 17.20 -27.72
C GLN C 298 -27.71 17.32 -29.24
N ASP C 299 -27.30 18.48 -29.75
CA ASP C 299 -27.06 18.67 -31.16
C ASP C 299 -26.24 17.53 -31.78
N VAL C 300 -26.55 17.19 -33.02
CA VAL C 300 -25.99 16.02 -33.70
C VAL C 300 -24.45 16.05 -33.89
N GLU C 301 -23.86 17.24 -34.08
CA GLU C 301 -22.38 17.34 -34.19
C GLU C 301 -21.70 16.91 -32.89
N HIS C 302 -22.30 17.27 -31.75
CA HIS C 302 -21.81 16.80 -30.46
C HIS C 302 -21.94 15.28 -30.32
N GLU C 303 -23.10 14.73 -30.74
CA GLU C 303 -23.30 13.28 -30.67
C GLU C 303 -22.25 12.52 -31.46
N ARG C 304 -21.92 13.05 -32.62
CA ARG C 304 -20.94 12.45 -33.52
C ARG C 304 -19.54 12.42 -32.91
N LEU C 305 -19.12 13.53 -32.28
CA LEU C 305 -17.83 13.54 -31.56
C LEU C 305 -17.84 12.47 -30.49
N PHE C 306 -18.93 12.41 -29.74
CA PHE C 306 -18.99 11.45 -28.64
C PHE C 306 -19.05 9.99 -29.09
N ASP C 307 -19.63 9.71 -30.24
CA ASP C 307 -19.59 8.36 -30.80
C ASP C 307 -18.12 7.99 -31.14
N LEU C 308 -17.40 8.89 -31.79
CA LEU C 308 -16.01 8.64 -32.14
C LEU C 308 -15.14 8.43 -30.87
N ILE C 309 -15.37 9.26 -29.85
CA ILE C 309 -14.62 9.16 -28.57
C ILE C 309 -14.88 7.79 -27.91
N GLN C 310 -16.14 7.36 -27.88
CA GLN C 310 -16.50 6.06 -27.32
C GLN C 310 -15.79 4.89 -27.98
N LYS C 311 -15.63 4.96 -29.30
CA LYS C 311 -14.96 3.90 -30.04
C LYS C 311 -13.45 3.92 -29.83
N MET C 312 -12.87 5.10 -29.68
CA MET C 312 -11.45 5.22 -29.26
C MET C 312 -11.22 4.69 -27.85
N LEU C 313 -12.21 4.82 -26.97
CA LEU C 313 -12.11 4.33 -25.61
C LEU C 313 -12.72 2.92 -25.39
N GLU C 314 -12.70 2.10 -26.42
CA GLU C 314 -13.00 0.66 -26.30
C GLU C 314 -11.84 0.00 -25.50
N TYR C 315 -12.21 -0.75 -24.47
CA TYR C 315 -11.29 -1.45 -23.58
C TYR C 315 -10.35 -2.44 -24.29
N ASP C 316 -10.90 -3.30 -25.13
CA ASP C 316 -10.13 -4.36 -25.79
C ASP C 316 -9.39 -3.79 -27.00
N PRO C 317 -8.05 -3.76 -26.96
CA PRO C 317 -7.35 -3.18 -28.09
C PRO C 317 -7.62 -3.87 -29.43
N ALA C 318 -7.95 -5.15 -29.42
CA ALA C 318 -8.23 -5.86 -30.67
C ALA C 318 -9.53 -5.37 -31.34
N LYS C 319 -10.45 -4.82 -30.55
CA LYS C 319 -11.73 -4.28 -31.05
C LYS C 319 -11.74 -2.77 -31.24
N ARG C 320 -10.73 -2.08 -30.73
CA ARG C 320 -10.68 -0.61 -30.76
C ARG C 320 -10.62 -0.15 -32.21
N ILE C 321 -11.32 0.92 -32.52
CA ILE C 321 -11.25 1.56 -33.85
C ILE C 321 -9.80 1.92 -34.19
N THR C 322 -9.40 1.72 -35.45
CA THR C 322 -8.09 2.15 -35.93
C THR C 322 -8.20 3.56 -36.48
N LEU C 323 -7.07 4.20 -36.73
CA LEU C 323 -7.08 5.58 -37.17
C LEU C 323 -7.50 5.72 -38.60
N ARG C 324 -7.17 4.71 -39.41
CA ARG C 324 -7.74 4.57 -40.80
C ARG C 324 -9.29 4.63 -40.86
N GLU C 325 -9.95 3.87 -40.01
CA GLU C 325 -11.42 3.92 -39.82
C GLU C 325 -11.88 5.28 -39.25
N ALA C 326 -11.21 5.78 -38.21
CA ALA C 326 -11.58 7.06 -37.60
C ALA C 326 -11.56 8.24 -38.59
N LEU C 327 -10.68 8.22 -39.58
CA LEU C 327 -10.63 9.32 -40.59
C LEU C 327 -11.88 9.35 -41.52
N LYS C 328 -12.60 8.21 -41.60
CA LYS C 328 -13.87 8.12 -42.33
C LYS C 328 -15.12 8.34 -41.45
N HIS C 329 -14.95 8.63 -40.15
CA HIS C 329 -16.09 8.82 -39.26
C HIS C 329 -16.90 10.06 -39.67
N PRO C 330 -18.23 10.02 -39.48
CA PRO C 330 -19.13 11.18 -39.84
C PRO C 330 -18.84 12.53 -39.19
N PHE C 331 -18.23 12.54 -38.01
CA PHE C 331 -17.78 13.75 -37.35
C PHE C 331 -16.91 14.61 -38.27
N PHE C 332 -16.19 13.96 -39.19
CA PHE C 332 -15.32 14.67 -40.16
C PHE C 332 -15.96 15.04 -41.50
N ASP C 333 -17.21 14.62 -41.74
CA ASP C 333 -17.93 14.95 -43.02
C ASP C 333 -17.90 16.45 -43.35
N LEU C 334 -18.09 17.28 -42.35
CA LEU C 334 -18.16 18.72 -42.53
C LEU C 334 -16.84 19.36 -43.03
N LEU C 335 -15.71 18.64 -42.95
CA LEU C 335 -14.45 19.06 -43.57
C LEU C 335 -14.29 18.72 -45.06
N LYS C 336 -15.18 17.93 -45.64
CA LYS C 336 -14.98 17.42 -46.99
C LYS C 336 -16.00 17.95 -47.95
N LYS C 337 -15.70 17.85 -49.24
CA LYS C 337 -16.73 17.90 -50.27
C LYS C 337 -17.19 16.44 -50.52
N SER C 338 -18.47 16.14 -50.19
CA SER C 338 -19.08 14.82 -50.47
C SER C 338 -20.09 14.98 -51.59
#